data_3W1R
#
_entry.id   3W1R
#
_cell.length_a   67.951
_cell.length_b   71.810
_cell.length_c   129.116
_cell.angle_alpha   90.00
_cell.angle_beta   90.00
_cell.angle_gamma   90.00
#
_symmetry.space_group_name_H-M   'P 21 21 21'
#
loop_
_entity.id
_entity.type
_entity.pdbx_description
1 polymer 'Dihydroorotate dehydrogenase (fumarate)'
2 non-polymer 'FLAVIN MONONUCLEOTIDE'
3 non-polymer 'COBALT HEXAMMINE(III)'
4 non-polymer '2,6-dioxo-5-(2-phenylethyl)-1,2,3,6-tetrahydropyrimidine-4-carboxylic acid'
5 non-polymer GLYCEROL
6 water water
#
_entity_poly.entity_id   1
_entity_poly.type   'polypeptide(L)'
_entity_poly.pdbx_seq_one_letter_code
;MCLKLNLLDHVFANPFMNAAGVLCSTEEDLRCMTASSSGALVSKSCTSAPRDGNPEPRYMAFPLGSINSMGLPNLGFDFY
LKYASDLHDYSKKPLFLSISGLSVEENVAMVRRLAPVAQEKGVLLELNLSCPNVPGKPQVAYDFEAMRTYLQQVSLAYGL
PFGVKMPPYFDIAHFDTAAAVLNEFPLVKFVTCVNSVGNGLVIDAESESVVIKPKQGFGGLGGKYILPTALANVNAFYRR
CPDKLVFGCGGVYSGEDAFLHILAGASMVQVGTALQEEGPGIFTRLEDELLEIMARKGYRTLEEFRGRVKTIE
;
_entity_poly.pdbx_strand_id   A,B
#
loop_
_chem_comp.id
_chem_comp.type
_chem_comp.name
_chem_comp.formula
FMN non-polymer 'FLAVIN MONONUCLEOTIDE' 'C17 H21 N4 O9 P'
GOL non-polymer GLYCEROL 'C3 H8 O3'
MRO non-polymer '2,6-dioxo-5-(2-phenylethyl)-1,2,3,6-tetrahydropyrimidine-4-carboxylic acid' 'C13 H12 N2 O4'
NCO non-polymer 'COBALT HEXAMMINE(III)' 'Co H18 N6 3'
#
# COMPACT_ATOMS: atom_id res chain seq x y z
N MET A 1 10.89 15.51 -31.90
CA MET A 1 10.38 15.03 -30.55
C MET A 1 11.51 14.97 -29.54
N CYS A 2 11.27 15.31 -28.27
CA CYS A 2 12.43 15.19 -27.35
C CYS A 2 12.04 15.04 -25.91
N LEU A 3 13.00 14.35 -25.27
CA LEU A 3 12.79 13.98 -23.85
C LEU A 3 13.51 14.91 -22.93
N LYS A 4 14.13 15.99 -23.45
CA LYS A 4 14.95 16.90 -22.61
C LYS A 4 14.16 17.64 -21.55
N LEU A 5 14.77 17.88 -20.38
CA LEU A 5 14.17 18.73 -19.32
C LEU A 5 15.25 19.68 -18.80
N ASN A 6 14.82 20.83 -18.32
CA ASN A 6 15.76 21.76 -17.67
C ASN A 6 15.07 22.09 -16.38
N LEU A 7 15.61 21.64 -15.27
CA LEU A 7 14.96 21.93 -13.99
C LEU A 7 16.09 22.00 -12.95
N LEU A 8 15.79 22.67 -11.85
CA LEU A 8 16.74 22.85 -10.74
C LEU A 8 18.09 23.37 -11.25
N ASP A 9 18.04 24.24 -12.26
CA ASP A 9 19.24 24.80 -12.88
C ASP A 9 20.20 23.75 -13.45
N HIS A 10 19.63 22.60 -13.85
CA HIS A 10 20.42 21.61 -14.59
C HIS A 10 19.69 21.21 -15.84
N VAL A 11 20.41 20.56 -16.76
CA VAL A 11 19.85 20.06 -18.02
C VAL A 11 19.95 18.55 -18.00
N PHE A 12 18.84 17.90 -18.38
CA PHE A 12 18.76 16.46 -18.36
C PHE A 12 18.38 15.97 -19.78
N ALA A 13 19.09 15.00 -20.33
CA ALA A 13 18.79 14.53 -21.66
C ALA A 13 17.40 13.85 -21.72
N ASN A 14 16.97 13.26 -20.58
CA ASN A 14 15.71 12.55 -20.55
C ASN A 14 15.34 12.49 -19.05
N PRO A 15 14.11 12.09 -18.75
CA PRO A 15 13.68 12.10 -17.32
C PRO A 15 14.10 10.90 -16.49
N PHE A 16 14.71 9.93 -17.09
CA PHE A 16 14.98 8.63 -16.35
C PHE A 16 16.20 8.63 -15.52
N MET A 17 16.10 7.99 -14.32
CA MET A 17 17.30 7.83 -13.45
C MET A 17 17.02 6.61 -12.61
N ASN A 18 18.09 6.11 -11.99
CA ASN A 18 17.81 5.04 -11.00
C ASN A 18 17.03 5.60 -9.82
N ALA A 19 16.32 4.71 -9.10
CA ALA A 19 15.81 4.96 -7.78
C ALA A 19 16.94 4.78 -6.72
N ALA A 20 16.97 5.62 -5.69
CA ALA A 20 18.01 5.38 -4.68
C ALA A 20 18.01 3.96 -4.17
N GLY A 21 19.21 3.46 -3.98
CA GLY A 21 19.36 2.08 -3.50
C GLY A 21 19.72 1.09 -4.60
N VAL A 22 19.28 1.37 -5.83
CA VAL A 22 19.52 0.41 -6.92
C VAL A 22 20.66 0.91 -7.82
N LEU A 23 21.65 0.01 -8.06
CA LEU A 23 22.80 0.28 -8.93
C LEU A 23 23.48 1.58 -8.52
N CYS A 24 23.79 1.77 -7.23
CA CYS A 24 24.38 3.06 -6.86
C CYS A 24 25.12 3.07 -5.59
N SER A 25 25.58 1.89 -5.12
CA SER A 25 26.28 1.80 -3.79
C SER A 25 27.76 1.96 -3.88
N THR A 26 28.38 1.39 -4.92
CA THR A 26 29.85 1.45 -5.02
C THR A 26 30.25 2.39 -6.12
N GLU A 27 31.56 2.72 -6.19
CA GLU A 27 32.10 3.48 -7.29
C GLU A 27 31.77 2.80 -8.65
N GLU A 28 31.93 1.46 -8.64
CA GLU A 28 31.62 0.70 -9.87
C GLU A 28 30.17 0.97 -10.28
N ASP A 29 29.27 0.86 -9.30
CA ASP A 29 27.83 1.10 -9.60
C ASP A 29 27.58 2.49 -10.19
N LEU A 30 28.20 3.50 -9.56
CA LEU A 30 27.92 4.90 -10.01
C LEU A 30 28.53 5.16 -11.37
N ARG A 31 29.74 4.58 -11.66
CA ARG A 31 30.28 4.67 -13.02
C ARG A 31 29.38 3.99 -14.03
N CYS A 32 28.77 2.87 -13.67
CA CYS A 32 27.85 2.15 -14.56
C CYS A 32 26.61 2.99 -14.82
N MET A 33 26.02 3.55 -13.77
CA MET A 33 24.86 4.46 -13.99
C MET A 33 25.29 5.64 -14.83
N THR A 34 26.51 6.15 -14.63
CA THR A 34 26.92 7.33 -15.42
C THR A 34 27.06 6.92 -16.89
N ALA A 35 27.61 5.70 -17.17
CA ALA A 35 27.82 5.28 -18.55
C ALA A 35 26.51 4.93 -19.28
N SER A 36 25.44 4.70 -18.52
CA SER A 36 24.12 4.30 -19.11
C SER A 36 23.45 5.51 -19.84
N SER A 37 22.32 5.23 -20.48
CA SER A 37 21.65 6.36 -21.17
C SER A 37 20.72 7.07 -20.20
N SER A 38 20.73 6.77 -18.91
CA SER A 38 19.82 7.56 -18.05
C SER A 38 20.09 9.07 -18.08
N GLY A 39 19.07 9.90 -17.79
CA GLY A 39 19.29 11.35 -17.76
C GLY A 39 19.94 11.84 -16.46
N ALA A 40 19.92 11.02 -15.39
CA ALA A 40 20.63 11.38 -14.15
C ALA A 40 20.88 10.11 -13.36
N LEU A 41 21.53 10.28 -12.21
CA LEU A 41 21.67 9.17 -11.25
C LEU A 41 21.63 9.71 -9.89
N VAL A 42 21.22 8.85 -8.98
CA VAL A 42 21.26 9.17 -7.49
C VAL A 42 22.12 8.15 -6.77
N SER A 43 22.93 8.65 -5.84
CA SER A 43 23.71 7.66 -5.00
C SER A 43 22.92 7.00 -3.92
N LYS A 44 23.37 5.83 -3.46
CA LYS A 44 22.74 5.12 -2.37
C LYS A 44 22.58 5.99 -1.12
N SER A 45 21.39 5.92 -0.51
CA SER A 45 21.15 6.68 0.76
C SER A 45 22.25 6.30 1.73
N CYS A 46 22.90 7.32 2.28
CA CYS A 46 24.04 7.05 3.18
C CYS A 46 23.84 7.59 4.61
N THR A 47 24.69 7.01 5.47
CA THR A 47 24.81 7.37 6.87
C THR A 47 26.23 7.92 7.06
N SER A 48 26.44 8.56 8.23
CA SER A 48 27.78 9.14 8.54
C SER A 48 28.83 8.03 8.47
N ALA A 49 28.52 6.87 9.07
CA ALA A 49 29.50 5.77 9.02
C ALA A 49 29.06 4.69 8.03
N PRO A 50 30.00 3.95 7.48
CA PRO A 50 29.65 2.82 6.62
C PRO A 50 28.77 1.80 7.40
N ARG A 51 27.85 1.15 6.64
CA ARG A 51 27.06 0.08 7.22
C ARG A 51 27.09 -1.16 6.39
N ASP A 52 27.11 -2.35 7.07
CA ASP A 52 27.01 -3.57 6.30
C ASP A 52 25.53 -3.91 5.95
N GLY A 53 24.59 -3.33 6.70
CA GLY A 53 23.19 -3.65 6.45
C GLY A 53 22.85 -5.00 7.08
N ASN A 54 21.63 -5.45 6.72
CA ASN A 54 21.08 -6.68 7.34
C ASN A 54 21.57 -7.98 6.74
N PRO A 55 21.34 -9.09 7.47
CA PRO A 55 21.76 -10.37 6.90
C PRO A 55 20.98 -10.74 5.65
N GLU A 56 21.61 -11.55 4.78
CA GLU A 56 21.02 -11.98 3.53
C GLU A 56 20.31 -13.32 3.78
N PRO A 57 19.31 -13.65 2.93
CA PRO A 57 18.77 -12.83 1.83
C PRO A 57 17.92 -11.66 2.31
N ARG A 58 18.12 -10.49 1.66
CA ARG A 58 17.45 -9.27 2.16
C ARG A 58 16.75 -8.57 0.98
N TYR A 59 16.90 -9.03 -0.23
CA TYR A 59 16.14 -8.59 -1.39
C TYR A 59 15.76 -9.81 -2.19
N MET A 60 14.48 -9.80 -2.63
CA MET A 60 14.04 -10.82 -3.56
C MET A 60 13.06 -10.23 -4.57
N ALA A 61 13.11 -10.72 -5.81
CA ALA A 61 12.17 -10.24 -6.80
C ALA A 61 11.44 -11.38 -7.48
N PHE A 62 10.26 -11.01 -8.00
CA PHE A 62 9.24 -11.93 -8.54
C PHE A 62 8.53 -11.25 -9.69
N PRO A 63 7.69 -11.99 -10.41
CA PRO A 63 7.07 -11.39 -11.57
C PRO A 63 6.34 -10.05 -11.31
N LEU A 64 5.73 -9.88 -10.14
CA LEU A 64 4.99 -8.62 -9.89
C LEU A 64 5.77 -7.62 -9.11
N GLY A 65 7.00 -7.93 -8.72
CA GLY A 65 7.79 -6.86 -8.01
C GLY A 65 8.81 -7.46 -7.05
N SER A 66 9.23 -6.66 -6.07
CA SER A 66 10.31 -7.04 -5.18
C SER A 66 9.91 -6.67 -3.71
N ILE A 67 10.68 -7.29 -2.80
CA ILE A 67 10.60 -6.99 -1.39
C ILE A 67 12.00 -6.89 -0.85
N ASN A 68 12.21 -5.89 0.01
CA ASN A 68 13.62 -5.73 0.53
C ASN A 68 13.52 -5.24 1.97
N SER A 69 14.46 -5.71 2.78
CA SER A 69 14.85 -5.13 4.06
C SER A 69 16.40 -5.08 4.15
N MET A 70 16.96 -4.23 3.32
CA MET A 70 18.38 -4.13 3.17
C MET A 70 19.15 -3.72 4.43
N GLY A 71 18.56 -2.82 5.19
CA GLY A 71 19.21 -2.28 6.35
C GLY A 71 20.20 -1.15 6.14
N LEU A 72 19.96 -0.46 5.07
CA LEU A 72 20.75 0.64 4.70
C LEU A 72 22.23 0.35 4.58
N PRO A 73 22.57 -0.70 3.89
CA PRO A 73 24.01 -0.90 3.66
C PRO A 73 24.59 0.23 2.76
N ASN A 74 25.74 0.81 3.11
CA ASN A 74 26.31 1.87 2.31
C ASN A 74 27.77 2.09 2.69
N LEU A 75 28.47 2.77 1.83
CA LEU A 75 29.91 3.01 2.05
C LEU A 75 30.20 4.17 2.98
N GLY A 76 29.16 4.84 3.45
CA GLY A 76 29.40 6.02 4.35
C GLY A 76 29.44 7.33 3.59
N PHE A 77 29.05 8.40 4.29
CA PHE A 77 28.98 9.70 3.67
C PHE A 77 30.27 10.11 3.03
N ASP A 78 31.41 9.91 3.71
CA ASP A 78 32.55 10.46 3.13
C ASP A 78 32.83 9.92 1.72
N PHE A 79 32.58 8.62 1.53
CA PHE A 79 32.70 8.08 0.18
C PHE A 79 31.79 8.77 -0.87
N TYR A 80 30.51 8.97 -0.52
CA TYR A 80 29.63 9.59 -1.54
C TYR A 80 29.94 11.06 -1.76
N LEU A 81 30.45 11.71 -0.70
CA LEU A 81 30.85 13.11 -0.87
C LEU A 81 32.07 13.21 -1.74
N LYS A 82 33.02 12.27 -1.57
CA LYS A 82 34.20 12.21 -2.45
C LYS A 82 33.81 11.94 -3.88
N TYR A 83 32.86 11.01 -4.10
CA TYR A 83 32.40 10.74 -5.44
C TYR A 83 31.81 12.04 -6.08
N ALA A 84 30.99 12.74 -5.30
CA ALA A 84 30.41 13.99 -5.84
C ALA A 84 31.48 15.09 -6.05
N SER A 85 32.47 15.15 -5.18
CA SER A 85 33.41 16.31 -5.21
C SER A 85 34.53 16.06 -6.21
N ASP A 86 34.96 14.80 -6.42
CA ASP A 86 36.20 14.55 -7.09
C ASP A 86 36.01 13.57 -8.27
N LEU A 87 35.02 12.64 -8.23
CA LEU A 87 35.00 11.53 -9.23
C LEU A 87 33.94 11.66 -10.31
N HIS A 88 32.75 12.18 -9.95
CA HIS A 88 31.63 12.16 -10.93
C HIS A 88 32.01 13.11 -12.10
N ASP A 89 31.67 12.69 -13.33
CA ASP A 89 31.83 13.60 -14.44
C ASP A 89 30.45 14.22 -14.73
N TYR A 90 30.34 15.44 -14.30
CA TYR A 90 29.17 16.21 -14.45
C TYR A 90 28.92 16.58 -15.93
N SER A 91 29.89 16.40 -16.81
CA SER A 91 29.55 16.71 -18.22
C SER A 91 28.73 15.58 -18.79
N LYS A 92 28.64 14.40 -18.11
CA LYS A 92 27.82 13.32 -18.62
C LYS A 92 26.33 13.46 -18.24
N LYS A 93 26.10 13.72 -16.96
CA LYS A 93 24.72 13.93 -16.47
C LYS A 93 24.75 14.45 -15.03
N PRO A 94 23.64 14.99 -14.55
CA PRO A 94 23.55 15.43 -13.17
C PRO A 94 23.52 14.32 -12.14
N LEU A 95 24.05 14.62 -10.97
CA LEU A 95 24.12 13.68 -9.85
C LEU A 95 23.31 14.20 -8.71
N PHE A 96 22.46 13.32 -8.16
CA PHE A 96 21.83 13.50 -6.87
C PHE A 96 22.55 12.64 -5.85
N LEU A 97 22.65 13.19 -4.62
CA LEU A 97 23.18 12.39 -3.50
C LEU A 97 22.07 12.22 -2.49
N SER A 98 21.76 10.95 -2.14
CA SER A 98 20.71 10.74 -1.14
C SER A 98 21.32 10.51 0.22
N ILE A 99 20.74 11.14 1.23
CA ILE A 99 21.19 10.89 2.61
C ILE A 99 20.07 10.31 3.40
N SER A 100 20.40 9.52 4.44
CA SER A 100 19.37 8.91 5.26
C SER A 100 19.91 8.69 6.66
N GLY A 101 20.31 9.77 7.32
CA GLY A 101 20.78 9.66 8.71
C GLY A 101 19.73 9.06 9.65
N LEU A 102 20.23 8.45 10.72
CA LEU A 102 19.36 7.71 11.64
C LEU A 102 18.79 8.65 12.73
N SER A 103 19.13 9.95 12.65
CA SER A 103 18.65 10.97 13.60
C SER A 103 18.75 12.33 12.91
N VAL A 104 18.02 13.33 13.40
CA VAL A 104 18.14 14.65 12.79
C VAL A 104 19.58 15.11 12.94
N GLU A 105 20.28 14.88 14.08
CA GLU A 105 21.64 15.41 14.16
C GLU A 105 22.64 14.81 13.12
N GLU A 106 22.48 13.50 12.83
CA GLU A 106 23.31 12.88 11.75
C GLU A 106 23.02 13.53 10.36
N ASN A 107 21.74 13.78 10.05
CA ASN A 107 21.48 14.43 8.77
C ASN A 107 22.07 15.81 8.74
N VAL A 108 21.88 16.60 9.84
CA VAL A 108 22.46 17.95 9.91
C VAL A 108 23.97 17.92 9.68
N ALA A 109 24.67 16.96 10.29
CA ALA A 109 26.11 16.92 10.15
C ALA A 109 26.58 16.64 8.71
N MET A 110 25.79 15.77 8.05
CA MET A 110 26.11 15.48 6.64
C MET A 110 25.81 16.67 5.79
N VAL A 111 24.60 17.24 5.93
CA VAL A 111 24.27 18.34 4.96
C VAL A 111 25.15 19.62 5.16
N ARG A 112 25.65 19.82 6.34
CA ARG A 112 26.59 20.91 6.51
C ARG A 112 27.83 20.75 5.67
N ARG A 113 28.32 19.53 5.63
CA ARG A 113 29.42 19.20 4.80
C ARG A 113 29.17 19.07 3.28
N LEU A 114 27.97 18.61 2.94
CA LEU A 114 27.58 18.59 1.56
C LEU A 114 27.45 19.98 0.92
N ALA A 115 26.93 20.92 1.69
CA ALA A 115 26.63 22.31 1.15
C ALA A 115 27.73 22.86 0.23
N PRO A 116 28.98 22.94 0.69
CA PRO A 116 29.98 23.59 -0.22
C PRO A 116 30.23 22.83 -1.53
N VAL A 117 30.06 21.50 -1.51
CA VAL A 117 30.21 20.69 -2.70
C VAL A 117 28.97 20.86 -3.60
N ALA A 118 27.79 20.94 -3.02
CA ALA A 118 26.57 21.28 -3.80
C ALA A 118 26.73 22.62 -4.46
N GLN A 119 27.25 23.61 -3.74
CA GLN A 119 27.44 24.95 -4.33
C GLN A 119 28.48 24.96 -5.44
N GLU A 120 29.63 24.30 -5.24
CA GLU A 120 30.68 24.31 -6.23
C GLU A 120 30.44 23.41 -7.43
N LYS A 121 29.93 22.18 -7.18
CA LYS A 121 29.85 21.15 -8.25
C LYS A 121 28.43 20.92 -8.75
N GLY A 122 27.45 21.36 -7.99
CA GLY A 122 26.06 21.29 -8.48
C GLY A 122 25.39 19.92 -8.12
N VAL A 123 26.04 19.06 -7.32
CA VAL A 123 25.30 17.87 -6.81
C VAL A 123 24.06 18.25 -6.09
N LEU A 124 22.97 17.50 -6.30
CA LEU A 124 21.65 17.77 -5.70
C LEU A 124 21.26 16.85 -4.60
N LEU A 125 20.85 17.40 -3.50
CA LEU A 125 20.50 16.59 -2.34
C LEU A 125 19.09 16.00 -2.41
N GLU A 126 18.96 14.68 -2.21
CA GLU A 126 17.63 14.00 -1.95
C GLU A 126 17.68 13.48 -0.51
N LEU A 127 16.86 14.08 0.34
CA LEU A 127 16.81 13.62 1.76
C LEU A 127 15.76 12.58 1.92
N ASN A 128 16.18 11.39 2.40
CA ASN A 128 15.22 10.32 2.56
C ASN A 128 14.50 10.42 3.86
N LEU A 129 13.19 10.67 3.78
CA LEU A 129 12.40 10.80 5.03
C LEU A 129 11.64 9.52 5.33
N SER A 130 11.79 8.46 4.50
CA SER A 130 11.00 7.24 4.67
C SER A 130 11.97 6.37 5.19
N CYS A 131 12.32 6.61 6.45
CA CYS A 131 13.47 6.12 7.06
C CYS A 131 13.19 6.02 8.61
N PRO A 132 13.63 4.92 9.31
CA PRO A 132 13.59 4.92 10.83
C PRO A 132 14.12 6.12 11.61
N ASN A 133 13.41 6.44 12.70
CA ASN A 133 13.88 7.40 13.70
C ASN A 133 14.04 6.57 14.96
N VAL A 134 13.37 6.92 16.07
CA VAL A 134 13.45 6.10 17.31
C VAL A 134 12.74 4.77 17.11
N PRO A 135 13.38 3.62 17.35
CA PRO A 135 12.53 2.42 17.20
C PRO A 135 11.28 2.40 18.16
N GLY A 136 10.17 1.87 17.67
CA GLY A 136 8.85 1.95 18.26
C GLY A 136 8.06 3.19 17.91
N LYS A 137 8.72 4.13 17.22
CA LYS A 137 7.97 5.23 16.62
C LYS A 137 7.93 4.91 15.10
N PRO A 138 6.94 5.50 14.46
CA PRO A 138 6.81 5.33 12.97
C PRO A 138 7.97 5.96 12.27
N GLN A 139 8.17 5.52 11.03
CA GLN A 139 9.23 6.18 10.23
C GLN A 139 8.97 7.70 10.19
N VAL A 140 10.03 8.45 9.90
CA VAL A 140 9.99 9.91 10.06
C VAL A 140 8.81 10.54 9.31
N ALA A 141 8.59 10.12 8.07
CA ALA A 141 7.56 10.83 7.26
C ALA A 141 6.17 10.36 7.61
N TYR A 142 6.06 9.41 8.52
CA TYR A 142 4.75 9.06 9.10
C TYR A 142 4.59 9.66 10.50
N ASP A 143 5.50 10.50 10.91
CA ASP A 143 5.41 11.21 12.19
C ASP A 143 5.56 12.67 11.83
N PHE A 144 4.47 13.38 11.67
CA PHE A 144 4.54 14.72 11.08
C PHE A 144 5.34 15.73 11.86
N GLU A 145 5.31 15.64 13.17
CA GLU A 145 6.14 16.49 13.98
C GLU A 145 7.62 16.23 13.77
N ALA A 146 8.00 14.96 13.66
CA ALA A 146 9.38 14.66 13.40
C ALA A 146 9.80 15.16 12.03
N MET A 147 8.92 14.97 11.07
CA MET A 147 9.23 15.41 9.73
C MET A 147 9.47 16.90 9.69
N ARG A 148 8.63 17.64 10.40
CA ARG A 148 8.82 19.10 10.41
C ARG A 148 10.16 19.47 11.03
N THR A 149 10.51 18.79 12.09
CA THR A 149 11.78 19.04 12.75
C THR A 149 12.95 18.74 11.85
N TYR A 150 12.85 17.61 11.17
CA TYR A 150 13.95 17.27 10.26
C TYR A 150 14.09 18.34 9.18
N LEU A 151 12.98 18.78 8.61
CA LEU A 151 13.04 19.80 7.58
C LEU A 151 13.52 21.20 8.04
N GLN A 152 13.10 21.59 9.26
CA GLN A 152 13.55 22.88 9.79
C GLN A 152 15.09 22.81 9.97
N GLN A 153 15.56 21.69 10.52
CA GLN A 153 16.98 21.61 10.88
C GLN A 153 17.83 21.43 9.63
N VAL A 154 17.33 20.61 8.67
CA VAL A 154 18.12 20.49 7.47
C VAL A 154 18.08 21.76 6.67
N SER A 155 16.91 22.40 6.58
CA SER A 155 16.88 23.65 5.80
C SER A 155 17.89 24.70 6.36
N LEU A 156 17.96 24.84 7.71
CA LEU A 156 18.91 25.81 8.34
C LEU A 156 20.37 25.41 8.08
N ALA A 157 20.69 24.11 8.19
CA ALA A 157 22.08 23.62 8.09
C ALA A 157 22.56 23.60 6.68
N TYR A 158 21.64 23.42 5.73
CA TYR A 158 22.10 23.27 4.37
C TYR A 158 22.05 24.58 3.58
N GLY A 159 20.88 25.21 3.63
CA GLY A 159 20.76 26.54 3.07
C GLY A 159 20.65 26.66 1.55
N LEU A 160 20.40 25.53 0.86
CA LEU A 160 20.36 25.45 -0.64
C LEU A 160 19.11 24.62 -1.01
N PRO A 161 18.71 24.73 -2.23
CA PRO A 161 17.54 23.92 -2.67
C PRO A 161 17.89 22.42 -2.52
N PHE A 162 16.91 21.64 -2.06
CA PHE A 162 17.07 20.16 -1.96
C PHE A 162 15.70 19.52 -2.23
N GLY A 163 15.70 18.21 -2.25
CA GLY A 163 14.39 17.48 -2.36
C GLY A 163 14.31 16.44 -1.32
N VAL A 164 13.11 15.85 -1.24
CA VAL A 164 12.81 14.88 -0.23
C VAL A 164 12.24 13.61 -0.87
N LYS A 165 12.60 12.45 -0.32
CA LYS A 165 12.05 11.16 -0.83
C LYS A 165 10.97 10.74 0.21
N MET A 166 9.72 10.54 -0.24
CA MET A 166 8.56 10.32 0.62
C MET A 166 8.06 8.89 0.52
N PRO A 167 7.64 8.28 1.66
CA PRO A 167 6.92 7.03 1.62
C PRO A 167 5.55 7.31 0.97
N PRO A 168 4.93 6.29 0.47
CA PRO A 168 3.53 6.44 0.08
C PRO A 168 2.62 6.67 1.26
N TYR A 169 1.56 7.45 0.98
CA TYR A 169 0.41 7.61 1.92
C TYR A 169 -0.86 7.02 1.35
N PHE A 170 -1.85 6.71 2.21
CA PHE A 170 -2.99 5.91 1.80
C PHE A 170 -4.29 6.62 2.23
N ASP A 171 -4.17 7.76 2.89
CA ASP A 171 -5.36 8.44 3.48
C ASP A 171 -5.22 9.90 2.98
N ILE A 172 -6.33 10.42 2.48
CA ILE A 172 -6.39 11.82 1.98
C ILE A 172 -5.92 12.77 3.09
N ALA A 173 -6.26 12.43 4.35
CA ALA A 173 -5.85 13.32 5.47
C ALA A 173 -4.35 13.46 5.51
N HIS A 174 -3.65 12.35 5.24
CA HIS A 174 -2.20 12.36 5.22
C HIS A 174 -1.63 13.08 4.04
N PHE A 175 -2.24 12.94 2.84
CA PHE A 175 -1.80 13.75 1.72
C PHE A 175 -1.92 15.19 2.11
N ASP A 176 -3.06 15.55 2.73
CA ASP A 176 -3.21 16.95 3.08
C ASP A 176 -2.19 17.47 4.07
N THR A 177 -2.02 16.73 5.17
CA THR A 177 -1.07 17.13 6.20
C THR A 177 0.37 17.11 5.69
N ALA A 178 0.77 16.04 5.00
CA ALA A 178 2.14 15.96 4.56
C ALA A 178 2.48 17.08 3.60
N ALA A 179 1.61 17.36 2.62
CA ALA A 179 1.94 18.41 1.68
C ALA A 179 1.97 19.76 2.36
N ALA A 180 1.12 19.99 3.33
CA ALA A 180 1.16 21.23 4.09
C ALA A 180 2.52 21.35 4.81
N VAL A 181 3.00 20.24 5.46
CA VAL A 181 4.34 20.36 6.10
C VAL A 181 5.37 20.75 5.02
N LEU A 182 5.43 20.03 3.86
CA LEU A 182 6.45 20.30 2.89
C LEU A 182 6.36 21.74 2.42
N ASN A 183 5.14 22.26 2.29
CA ASN A 183 5.02 23.60 1.79
C ASN A 183 5.45 24.72 2.80
N GLU A 184 5.68 24.31 4.05
CA GLU A 184 6.34 25.23 5.02
C GLU A 184 7.78 25.55 4.66
N PHE A 185 8.41 24.73 3.77
CA PHE A 185 9.86 24.79 3.48
C PHE A 185 10.19 25.16 2.06
N PRO A 186 10.51 26.44 1.82
CA PRO A 186 10.75 26.85 0.47
C PRO A 186 12.01 26.27 -0.19
N LEU A 187 12.94 25.82 0.63
CA LEU A 187 14.07 25.17 0.01
C LEU A 187 13.78 23.75 -0.46
N VAL A 188 12.64 23.19 -0.02
CA VAL A 188 12.28 21.85 -0.61
C VAL A 188 11.71 22.10 -2.02
N LYS A 189 12.54 21.82 -3.03
CA LYS A 189 12.19 22.15 -4.40
C LYS A 189 11.68 20.98 -5.17
N PHE A 190 11.96 19.79 -4.69
CA PHE A 190 11.35 18.60 -5.37
C PHE A 190 10.94 17.58 -4.32
N VAL A 191 9.92 16.79 -4.71
CA VAL A 191 9.38 15.78 -3.79
C VAL A 191 9.35 14.51 -4.62
N THR A 192 10.04 13.46 -4.16
CA THR A 192 10.04 12.17 -4.90
C THR A 192 9.07 11.23 -4.27
N CYS A 193 8.04 10.84 -5.06
CA CYS A 193 6.96 9.91 -4.56
C CYS A 193 7.03 8.73 -5.47
N VAL A 194 7.36 7.51 -5.01
CA VAL A 194 7.35 7.13 -3.58
C VAL A 194 8.49 6.17 -3.34
N ASN A 195 8.86 6.11 -2.05
CA ASN A 195 9.66 4.97 -1.55
C ASN A 195 8.81 3.66 -1.55
N SER A 196 9.40 2.55 -1.09
CA SER A 196 8.63 1.31 -1.12
C SER A 196 7.40 1.33 -0.24
N VAL A 197 6.44 0.48 -0.60
CA VAL A 197 5.21 0.35 0.19
C VAL A 197 5.61 -0.59 1.44
N GLY A 198 5.57 0.05 2.58
CA GLY A 198 6.25 -0.57 3.75
C GLY A 198 5.67 -1.88 4.24
N ASN A 199 6.62 -2.70 4.73
CA ASN A 199 6.27 -3.89 5.52
C ASN A 199 5.19 -4.75 4.91
N GLY A 200 5.39 -5.11 3.67
CA GLY A 200 4.65 -6.19 3.04
C GLY A 200 5.25 -7.54 3.46
N LEU A 201 4.66 -8.67 3.04
CA LEU A 201 5.20 -9.96 3.44
C LEU A 201 4.99 -10.88 2.26
N VAL A 202 6.09 -11.37 1.63
CA VAL A 202 5.96 -12.35 0.57
C VAL A 202 6.24 -13.74 1.16
N ILE A 203 5.38 -14.67 0.78
CA ILE A 203 5.54 -16.08 1.29
C ILE A 203 5.56 -17.04 0.12
N ASP A 204 6.54 -17.93 0.18
CA ASP A 204 6.69 -18.92 -0.90
C ASP A 204 5.82 -20.16 -0.53
N ALA A 205 4.86 -20.47 -1.39
CA ALA A 205 3.98 -21.60 -1.07
C ALA A 205 4.68 -22.94 -0.97
N GLU A 206 5.68 -23.21 -1.82
CA GLU A 206 6.29 -24.55 -1.76
C GLU A 206 7.03 -24.77 -0.49
N SER A 207 7.85 -23.81 -0.06
CA SER A 207 8.64 -24.01 1.07
C SER A 207 7.94 -23.58 2.36
N GLU A 208 6.78 -22.90 2.19
CA GLU A 208 6.01 -22.39 3.35
C GLU A 208 6.73 -21.37 4.18
N SER A 209 7.66 -20.67 3.52
CA SER A 209 8.56 -19.77 4.25
C SER A 209 8.51 -18.37 3.65
N VAL A 210 8.77 -17.37 4.53
CA VAL A 210 9.09 -16.03 4.02
C VAL A 210 10.36 -16.12 3.15
N VAL A 211 10.61 -15.01 2.43
CA VAL A 211 11.68 -15.10 1.41
C VAL A 211 12.87 -14.20 1.72
N ILE A 212 12.69 -13.35 2.71
CA ILE A 212 13.85 -12.58 3.21
C ILE A 212 14.03 -12.85 4.68
N LYS A 213 15.27 -12.72 5.10
CA LYS A 213 15.63 -13.08 6.49
C LYS A 213 15.32 -12.01 7.52
N PRO A 214 15.65 -10.75 7.30
CA PRO A 214 15.38 -9.76 8.37
C PRO A 214 13.91 -9.60 8.66
N LYS A 215 13.61 -9.07 9.81
CA LYS A 215 12.24 -8.65 10.14
C LYS A 215 11.17 -9.74 9.92
N GLN A 216 11.56 -11.00 10.13
CA GLN A 216 10.61 -12.10 10.01
C GLN A 216 9.95 -12.10 8.67
N GLY A 217 10.68 -11.59 7.71
CA GLY A 217 10.21 -11.60 6.34
C GLY A 217 9.50 -10.36 5.85
N PHE A 218 9.29 -9.39 6.72
CA PHE A 218 8.60 -8.17 6.40
C PHE A 218 9.57 -7.23 5.71
N GLY A 219 9.10 -6.60 4.65
CA GLY A 219 9.91 -5.69 3.90
C GLY A 219 9.17 -4.79 2.96
N GLY A 220 9.88 -3.82 2.43
CA GLY A 220 9.27 -2.86 1.54
C GLY A 220 9.02 -3.43 0.13
N LEU A 221 7.87 -3.09 -0.42
CA LEU A 221 7.51 -3.55 -1.74
C LEU A 221 7.74 -2.54 -2.85
N GLY A 222 8.29 -3.07 -3.92
CA GLY A 222 8.41 -2.30 -5.15
C GLY A 222 7.87 -3.06 -6.34
N GLY A 223 7.82 -2.34 -7.46
CA GLY A 223 7.51 -2.95 -8.73
C GLY A 223 6.04 -2.87 -9.13
N LYS A 224 5.58 -3.90 -9.86
CA LYS A 224 4.21 -3.83 -10.38
C LYS A 224 3.18 -3.70 -9.32
N TYR A 225 3.41 -4.27 -8.13
CA TYR A 225 2.43 -4.11 -7.00
C TYR A 225 2.04 -2.67 -6.73
N ILE A 226 2.98 -1.75 -6.94
CA ILE A 226 2.85 -0.36 -6.32
C ILE A 226 2.58 0.74 -7.32
N LEU A 227 2.40 0.40 -8.61
CA LEU A 227 2.24 1.50 -9.59
C LEU A 227 1.02 2.38 -9.31
N PRO A 228 -0.19 1.85 -9.07
CA PRO A 228 -1.29 2.79 -8.79
C PRO A 228 -1.11 3.60 -7.48
N THR A 229 -0.43 3.05 -6.45
CA THR A 229 -0.11 3.79 -5.25
C THR A 229 0.88 4.90 -5.57
N ALA A 230 1.86 4.55 -6.42
CA ALA A 230 2.85 5.58 -6.80
C ALA A 230 2.20 6.72 -7.56
N LEU A 231 1.33 6.35 -8.53
CA LEU A 231 0.72 7.39 -9.35
C LEU A 231 -0.13 8.29 -8.43
N ALA A 232 -0.86 7.72 -7.45
CA ALA A 232 -1.78 8.48 -6.59
C ALA A 232 -0.93 9.49 -5.83
N ASN A 233 0.23 9.05 -5.33
CA ASN A 233 1.05 9.97 -4.54
C ASN A 233 1.66 11.03 -5.38
N VAL A 234 2.15 10.65 -6.57
CA VAL A 234 2.68 11.70 -7.49
C VAL A 234 1.57 12.74 -7.71
N ASN A 235 0.37 12.29 -8.07
CA ASN A 235 -0.64 13.31 -8.39
C ASN A 235 -1.10 14.12 -7.20
N ALA A 236 -1.19 13.43 -6.01
CA ALA A 236 -1.65 14.11 -4.80
C ALA A 236 -0.67 15.21 -4.43
N PHE A 237 0.64 14.97 -4.49
CA PHE A 237 1.63 16.04 -4.20
C PHE A 237 1.73 17.02 -5.34
N TYR A 238 1.54 16.59 -6.58
CA TYR A 238 1.57 17.54 -7.75
C TYR A 238 0.47 18.58 -7.59
N ARG A 239 -0.72 18.10 -7.15
CA ARG A 239 -1.87 19.04 -6.98
C ARG A 239 -1.65 19.92 -5.74
N ARG A 240 -1.06 19.40 -4.69
CA ARG A 240 -0.99 20.15 -3.40
C ARG A 240 0.28 21.03 -3.29
N CYS A 241 1.31 20.77 -4.14
CA CYS A 241 2.58 21.55 -3.99
C CYS A 241 2.85 22.21 -5.29
N PRO A 242 2.10 23.29 -5.60
CA PRO A 242 2.20 23.81 -6.93
C PRO A 242 3.53 24.58 -7.14
N ASP A 243 4.22 24.93 -6.10
CA ASP A 243 5.55 25.59 -6.24
C ASP A 243 6.73 24.66 -6.18
N LYS A 244 6.47 23.33 -6.22
CA LYS A 244 7.58 22.31 -6.13
C LYS A 244 7.48 21.42 -7.36
N LEU A 245 8.61 20.74 -7.65
CA LEU A 245 8.62 19.64 -8.69
C LEU A 245 8.24 18.37 -7.94
N VAL A 246 7.64 17.44 -8.70
CA VAL A 246 7.42 16.08 -8.18
C VAL A 246 8.18 15.12 -9.05
N PHE A 247 9.01 14.24 -8.47
CA PHE A 247 9.64 13.19 -9.26
C PHE A 247 8.87 11.90 -8.95
N GLY A 248 8.59 11.11 -10.00
CA GLY A 248 7.84 9.85 -9.71
C GLY A 248 8.73 8.67 -9.59
N CYS A 249 8.38 7.79 -8.69
CA CYS A 249 9.11 6.52 -8.54
C CYS A 249 8.10 5.45 -8.10
N GLY A 250 8.11 4.31 -8.72
CA GLY A 250 7.30 3.12 -8.29
C GLY A 250 6.66 2.49 -9.49
N GLY A 251 7.03 1.22 -9.71
CA GLY A 251 6.28 0.48 -10.71
C GLY A 251 6.64 0.79 -12.13
N VAL A 252 7.77 1.49 -12.39
CA VAL A 252 8.09 1.75 -13.83
C VAL A 252 8.86 0.59 -14.40
N TYR A 253 8.21 -0.09 -15.36
CA TYR A 253 8.90 -1.10 -16.21
C TYR A 253 8.83 -0.77 -17.69
N SER A 254 8.12 0.25 -18.11
CA SER A 254 7.99 0.49 -19.59
C SER A 254 7.81 1.97 -19.78
N GLY A 255 7.92 2.39 -21.06
CA GLY A 255 7.65 3.80 -21.39
C GLY A 255 6.21 4.14 -21.10
N GLU A 256 5.30 3.18 -21.20
CA GLU A 256 3.91 3.54 -20.86
C GLU A 256 3.74 3.84 -19.39
N ASP A 257 4.46 3.06 -18.53
CA ASP A 257 4.37 3.34 -17.11
C ASP A 257 4.97 4.73 -16.81
N ALA A 258 6.06 5.08 -17.51
CA ALA A 258 6.64 6.40 -17.35
C ALA A 258 5.71 7.50 -17.82
N PHE A 259 5.05 7.22 -18.96
CA PHE A 259 4.05 8.21 -19.44
C PHE A 259 2.92 8.45 -18.43
N LEU A 260 2.47 7.38 -17.75
CA LEU A 260 1.44 7.59 -16.74
C LEU A 260 1.98 8.46 -15.56
N HIS A 261 3.21 8.15 -15.05
CA HIS A 261 3.81 9.05 -14.08
C HIS A 261 3.82 10.48 -14.49
N ILE A 262 4.23 10.70 -15.75
CA ILE A 262 4.40 12.07 -16.22
C ILE A 262 3.00 12.71 -16.32
N LEU A 263 1.99 12.01 -16.82
CA LEU A 263 0.60 12.56 -16.82
C LEU A 263 0.12 12.90 -15.45
N ALA A 264 0.53 12.11 -14.41
CA ALA A 264 0.20 12.37 -13.02
C ALA A 264 0.93 13.58 -12.46
N GLY A 265 2.02 13.99 -13.08
CA GLY A 265 2.75 15.22 -12.64
C GLY A 265 4.28 15.03 -12.57
N ALA A 266 4.77 13.83 -12.85
CA ALA A 266 6.20 13.60 -12.59
C ALA A 266 7.11 14.40 -13.58
N SER A 267 8.19 14.97 -13.01
CA SER A 267 9.29 15.60 -13.80
C SER A 267 10.29 14.52 -14.10
N MET A 268 11.17 14.22 -13.17
CA MET A 268 12.03 13.03 -13.38
C MET A 268 11.20 11.79 -13.00
N VAL A 269 11.69 10.65 -13.55
CA VAL A 269 11.00 9.34 -13.32
C VAL A 269 12.11 8.39 -12.95
N GLN A 270 11.99 7.83 -11.75
CA GLN A 270 13.06 6.95 -11.19
C GLN A 270 12.63 5.45 -11.37
N VAL A 271 13.61 4.57 -11.47
CA VAL A 271 13.40 3.16 -11.80
C VAL A 271 14.16 2.34 -10.81
N GLY A 272 13.47 1.56 -9.97
CA GLY A 272 14.12 0.76 -8.91
C GLY A 272 14.05 -0.71 -9.34
N THR A 273 13.02 -1.42 -8.89
CA THR A 273 12.95 -2.88 -9.16
C THR A 273 13.23 -3.28 -10.60
N ALA A 274 12.63 -2.58 -11.58
CA ALA A 274 12.86 -3.03 -12.97
C ALA A 274 14.32 -2.91 -13.38
N LEU A 275 15.00 -1.85 -12.88
CA LEU A 275 16.42 -1.65 -13.15
C LEU A 275 17.26 -2.73 -12.44
N GLN A 276 16.96 -3.01 -11.19
CA GLN A 276 17.61 -4.14 -10.47
C GLN A 276 17.46 -5.42 -11.27
N GLU A 277 16.30 -5.69 -11.90
CA GLU A 277 16.07 -6.95 -12.52
C GLU A 277 16.64 -6.95 -13.95
N GLU A 278 16.54 -5.85 -14.73
CA GLU A 278 16.92 -5.88 -16.13
C GLU A 278 18.32 -5.32 -16.41
N GLY A 279 18.81 -4.47 -15.50
CA GLY A 279 20.12 -3.83 -15.67
C GLY A 279 19.98 -2.57 -16.51
N PRO A 280 21.08 -1.83 -16.68
CA PRO A 280 21.00 -0.48 -17.16
C PRO A 280 20.54 -0.31 -18.62
N GLY A 281 20.57 -1.41 -19.38
CA GLY A 281 20.00 -1.40 -20.72
C GLY A 281 18.57 -0.96 -20.69
N ILE A 282 17.90 -1.06 -19.53
CA ILE A 282 16.48 -0.63 -19.48
C ILE A 282 16.34 0.80 -19.93
N PHE A 283 17.34 1.66 -19.68
CA PHE A 283 17.08 3.07 -20.03
C PHE A 283 16.93 3.31 -21.50
N THR A 284 17.66 2.55 -22.37
CA THR A 284 17.45 2.83 -23.83
C THR A 284 16.04 2.38 -24.24
N ARG A 285 15.58 1.27 -23.66
CA ARG A 285 14.25 0.75 -23.91
C ARG A 285 13.17 1.69 -23.44
N LEU A 286 13.34 2.28 -22.25
CA LEU A 286 12.28 3.17 -21.72
C LEU A 286 12.23 4.43 -22.58
N GLU A 287 13.40 4.91 -22.98
CA GLU A 287 13.42 6.14 -23.86
C GLU A 287 12.74 5.87 -25.19
N ASP A 288 13.07 4.76 -25.80
CA ASP A 288 12.41 4.38 -27.11
C ASP A 288 10.92 4.26 -26.92
N GLU A 289 10.49 3.56 -25.87
CA GLU A 289 9.07 3.31 -25.70
C GLU A 289 8.32 4.62 -25.37
N LEU A 290 8.89 5.51 -24.58
CA LEU A 290 8.19 6.76 -24.25
C LEU A 290 8.15 7.61 -25.56
N LEU A 291 9.23 7.68 -26.34
CA LEU A 291 9.20 8.46 -27.60
C LEU A 291 8.14 7.86 -28.52
N GLU A 292 7.94 6.51 -28.55
CA GLU A 292 6.94 5.97 -29.47
C GLU A 292 5.53 6.40 -29.07
N ILE A 293 5.24 6.44 -27.75
CA ILE A 293 3.90 6.84 -27.33
C ILE A 293 3.73 8.30 -27.65
N MET A 294 4.74 9.13 -27.39
CA MET A 294 4.67 10.55 -27.74
C MET A 294 4.40 10.72 -29.24
N ALA A 295 5.08 9.94 -30.06
CA ALA A 295 4.93 10.09 -31.58
C ALA A 295 3.50 9.75 -31.94
N ARG A 296 2.96 8.71 -31.35
CA ARG A 296 1.60 8.27 -31.74
C ARG A 296 0.56 9.32 -31.37
N LYS A 297 0.82 10.06 -30.30
CA LYS A 297 -0.11 11.02 -29.73
C LYS A 297 0.15 12.43 -30.26
N GLY A 298 1.22 12.54 -31.03
CA GLY A 298 1.65 13.85 -31.51
C GLY A 298 2.22 14.81 -30.47
N TYR A 299 2.72 14.31 -29.33
CA TYR A 299 3.37 15.16 -28.35
C TYR A 299 4.87 15.34 -28.71
N ARG A 300 5.31 16.58 -28.66
CA ARG A 300 6.71 16.84 -29.00
C ARG A 300 7.63 17.00 -27.81
N THR A 301 7.08 17.33 -26.63
CA THR A 301 7.90 17.56 -25.45
C THR A 301 7.12 17.01 -24.25
N LEU A 302 7.87 16.80 -23.17
CA LEU A 302 7.21 16.29 -21.95
C LEU A 302 6.23 17.32 -21.33
N GLU A 303 6.51 18.65 -21.43
CA GLU A 303 5.62 19.59 -20.80
C GLU A 303 4.29 19.67 -21.50
N GLU A 304 4.20 19.14 -22.70
CA GLU A 304 2.88 19.13 -23.37
C GLU A 304 1.87 18.28 -22.61
N PHE A 305 2.37 17.29 -21.85
CA PHE A 305 1.39 16.41 -21.15
C PHE A 305 1.67 16.24 -19.67
N ARG A 306 2.76 16.79 -19.13
CA ARG A 306 3.05 16.58 -17.69
C ARG A 306 1.94 17.17 -16.83
N GLY A 307 1.36 16.37 -15.95
CA GLY A 307 0.31 16.82 -15.02
C GLY A 307 -1.08 16.95 -15.71
N ARG A 308 -1.18 16.52 -16.97
CA ARG A 308 -2.41 16.75 -17.74
C ARG A 308 -3.37 15.51 -17.68
N VAL A 309 -3.18 14.61 -16.71
CA VAL A 309 -4.18 13.53 -16.52
C VAL A 309 -5.61 14.15 -16.44
N LYS A 310 -6.55 13.50 -17.15
CA LYS A 310 -7.94 13.98 -17.19
C LYS A 310 -8.67 13.31 -16.10
N THR A 311 -9.61 14.04 -15.51
CA THR A 311 -10.60 13.43 -14.63
C THR A 311 -11.92 13.33 -15.35
N ILE A 312 -12.84 12.59 -14.77
CA ILE A 312 -14.17 12.39 -15.39
C ILE A 312 -15.15 13.39 -14.80
N GLU A 313 -15.76 14.19 -15.71
CA GLU A 313 -16.99 15.04 -15.40
C GLU A 313 -17.10 15.79 -14.09
N MET B 1 -9.27 -33.68 3.35
CA MET B 1 -10.33 -34.09 2.36
C MET B 1 -11.78 -33.55 2.55
N CYS B 2 -12.21 -33.15 3.75
CA CYS B 2 -13.19 -31.99 3.79
C CYS B 2 -12.57 -30.82 4.59
N LEU B 3 -12.99 -29.60 4.25
CA LEU B 3 -12.37 -28.35 4.67
C LEU B 3 -13.20 -27.70 5.82
N LYS B 4 -14.14 -28.46 6.42
CA LYS B 4 -15.06 -27.94 7.43
C LYS B 4 -14.23 -27.49 8.65
N LEU B 5 -14.68 -26.41 9.30
CA LEU B 5 -14.15 -25.85 10.53
C LEU B 5 -15.22 -25.22 11.42
N ASN B 6 -14.88 -24.97 12.68
CA ASN B 6 -15.75 -24.40 13.66
C ASN B 6 -15.05 -23.23 14.19
N LEU B 7 -15.70 -22.05 14.24
CA LEU B 7 -15.20 -20.79 14.78
C LEU B 7 -16.36 -19.96 15.37
N LEU B 8 -16.10 -19.20 16.41
CA LEU B 8 -17.07 -18.26 16.95
C LEU B 8 -18.43 -18.97 17.27
N ASP B 9 -18.35 -20.21 17.71
CA ASP B 9 -19.58 -21.00 18.02
C ASP B 9 -20.44 -21.32 16.81
N HIS B 10 -19.81 -21.29 15.64
CA HIS B 10 -20.49 -21.70 14.41
C HIS B 10 -19.69 -22.71 13.63
N VAL B 11 -20.37 -23.49 12.81
CA VAL B 11 -19.74 -24.51 11.96
C VAL B 11 -19.71 -23.91 10.55
N PHE B 12 -18.54 -24.10 9.89
CA PHE B 12 -18.36 -23.64 8.49
C PHE B 12 -17.88 -24.81 7.61
N ALA B 13 -18.43 -24.91 6.43
CA ALA B 13 -18.14 -26.08 5.50
C ALA B 13 -16.72 -25.89 4.96
N ASN B 14 -16.22 -24.66 4.98
CA ASN B 14 -14.87 -24.33 4.38
C ASN B 14 -14.63 -22.88 4.81
N PRO B 15 -13.36 -22.39 4.66
CA PRO B 15 -13.02 -21.11 5.26
C PRO B 15 -13.38 -19.95 4.26
N PHE B 16 -13.99 -20.22 3.12
CA PHE B 16 -14.15 -19.11 2.15
C PHE B 16 -15.43 -18.31 2.34
N MET B 17 -15.36 -17.01 2.11
CA MET B 17 -16.58 -16.20 2.05
C MET B 17 -16.30 -15.01 1.15
N ASN B 18 -17.38 -14.31 0.77
CA ASN B 18 -17.15 -13.03 0.04
C ASN B 18 -16.54 -12.02 1.04
N ALA B 19 -15.82 -11.07 0.43
CA ALA B 19 -15.40 -9.83 1.11
C ALA B 19 -16.60 -8.88 1.18
N ALA B 20 -16.75 -8.15 2.30
CA ALA B 20 -17.85 -7.18 2.36
C ALA B 20 -17.85 -6.22 1.18
N GLY B 21 -19.03 -5.91 0.72
CA GLY B 21 -19.14 -5.07 -0.50
C GLY B 21 -19.33 -5.78 -1.82
N VAL B 22 -18.82 -7.05 -1.90
CA VAL B 22 -18.87 -7.76 -3.17
C VAL B 22 -19.97 -8.80 -3.15
N LEU B 23 -20.91 -8.71 -4.11
CA LEU B 23 -22.04 -9.70 -4.22
C LEU B 23 -22.85 -9.79 -2.94
N CYS B 24 -23.24 -8.62 -2.40
CA CYS B 24 -23.88 -8.74 -1.08
C CYS B 24 -24.68 -7.51 -0.76
N SER B 25 -25.13 -6.78 -1.75
CA SER B 25 -25.85 -5.53 -1.48
C SER B 25 -27.37 -5.71 -1.47
N THR B 26 -27.88 -6.55 -2.37
CA THR B 26 -29.30 -6.70 -2.48
C THR B 26 -29.71 -8.07 -1.98
N GLU B 27 -31.06 -8.29 -1.89
CA GLU B 27 -31.57 -9.57 -1.47
C GLU B 27 -31.11 -10.63 -2.50
N GLU B 28 -31.24 -10.24 -3.78
CA GLU B 28 -30.74 -11.19 -4.83
C GLU B 28 -29.27 -11.56 -4.63
N ASP B 29 -28.43 -10.55 -4.28
CA ASP B 29 -27.01 -10.87 -4.14
C ASP B 29 -26.82 -11.84 -2.96
N LEU B 30 -27.53 -11.58 -1.83
CA LEU B 30 -27.32 -12.37 -0.63
C LEU B 30 -27.85 -13.80 -0.82
N ARG B 31 -28.98 -13.93 -1.57
CA ARG B 31 -29.43 -15.25 -1.98
C ARG B 31 -28.46 -16.02 -2.90
N CYS B 32 -27.79 -15.23 -3.82
CA CYS B 32 -26.78 -15.83 -4.68
C CYS B 32 -25.56 -16.30 -3.84
N MET B 33 -25.05 -15.46 -2.92
CA MET B 33 -23.96 -15.94 -2.08
C MET B 33 -24.39 -17.11 -1.19
N THR B 34 -25.66 -17.17 -0.76
CA THR B 34 -26.06 -18.27 0.11
C THR B 34 -26.10 -19.58 -0.73
N ALA B 35 -26.57 -19.52 -1.98
CA ALA B 35 -26.59 -20.67 -2.88
C ALA B 35 -25.23 -21.15 -3.35
N SER B 36 -24.21 -20.31 -3.21
CA SER B 36 -22.86 -20.72 -3.62
C SER B 36 -22.22 -21.71 -2.69
N SER B 37 -21.03 -22.17 -3.10
CA SER B 37 -20.35 -23.13 -2.24
C SER B 37 -19.54 -22.46 -1.14
N SER B 38 -19.63 -21.15 -0.98
CA SER B 38 -18.85 -20.53 0.11
C SER B 38 -19.23 -21.02 1.47
N GLY B 39 -18.28 -20.94 2.40
CA GLY B 39 -18.51 -21.39 3.78
C GLY B 39 -19.35 -20.40 4.57
N ALA B 40 -19.36 -19.13 4.15
CA ALA B 40 -20.14 -18.08 4.90
C ALA B 40 -20.38 -16.95 3.90
N LEU B 41 -21.10 -15.94 4.37
CA LEU B 41 -21.27 -14.73 3.55
C LEU B 41 -21.31 -13.55 4.48
N VAL B 42 -20.98 -12.37 3.96
CA VAL B 42 -21.06 -11.13 4.76
C VAL B 42 -21.89 -10.12 3.90
N SER B 43 -22.74 -9.33 4.56
CA SER B 43 -23.51 -8.36 3.80
C SER B 43 -22.71 -7.09 3.54
N LYS B 44 -23.22 -6.26 2.64
CA LYS B 44 -22.59 -4.96 2.28
C LYS B 44 -22.59 -4.07 3.51
N SER B 45 -21.49 -3.37 3.76
CA SER B 45 -21.48 -2.47 4.96
C SER B 45 -22.64 -1.51 4.84
N CYS B 46 -23.32 -1.32 6.00
CA CYS B 46 -24.51 -0.46 5.92
C CYS B 46 -24.45 0.72 6.86
N THR B 47 -25.35 1.67 6.53
CA THR B 47 -25.62 2.90 7.31
C THR B 47 -27.04 2.85 7.77
N SER B 48 -27.41 3.78 8.65
CA SER B 48 -28.76 3.67 9.24
C SER B 48 -29.78 3.91 8.16
N ALA B 49 -29.49 4.85 7.27
CA ALA B 49 -30.41 5.08 6.15
C ALA B 49 -29.76 4.58 4.84
N PRO B 50 -30.56 4.35 3.82
CA PRO B 50 -30.04 4.00 2.52
C PRO B 50 -29.15 5.05 1.90
N ARG B 51 -28.20 4.62 1.07
CA ARG B 51 -27.30 5.48 0.32
C ARG B 51 -27.22 5.05 -1.15
N ASP B 52 -27.26 6.04 -2.05
CA ASP B 52 -27.00 5.84 -3.43
C ASP B 52 -25.52 5.57 -3.76
N GLY B 53 -24.63 6.11 -2.95
CA GLY B 53 -23.23 6.05 -3.24
C GLY B 53 -22.78 7.10 -4.24
N ASN B 54 -21.60 6.92 -4.80
CA ASN B 54 -20.97 7.95 -5.66
C ASN B 54 -21.37 7.77 -7.11
N PRO B 55 -21.09 8.79 -7.95
CA PRO B 55 -21.39 8.70 -9.37
C PRO B 55 -20.60 7.57 -10.05
N GLU B 56 -21.19 6.97 -11.08
CA GLU B 56 -20.53 5.92 -11.91
C GLU B 56 -19.75 6.59 -13.07
N PRO B 57 -18.66 5.99 -13.51
CA PRO B 57 -18.16 4.71 -13.03
C PRO B 57 -17.41 4.80 -11.73
N ARG B 58 -17.61 3.82 -10.86
CA ARG B 58 -17.05 3.88 -9.50
C ARG B 58 -16.28 2.57 -9.10
N TYR B 59 -16.29 1.60 -10.03
CA TYR B 59 -15.47 0.40 -9.85
C TYR B 59 -14.88 0.08 -11.23
N MET B 60 -13.59 -0.27 -11.27
CA MET B 60 -13.03 -0.85 -12.47
C MET B 60 -12.04 -1.89 -12.16
N ALA B 61 -11.98 -2.93 -12.97
CA ALA B 61 -10.99 -3.97 -12.77
C ALA B 61 -10.06 -4.20 -13.96
N PHE B 62 -8.88 -4.75 -13.68
CA PHE B 62 -7.78 -4.92 -14.61
C PHE B 62 -7.05 -6.19 -14.25
N PRO B 63 -6.11 -6.65 -15.07
CA PRO B 63 -5.47 -7.93 -14.84
C PRO B 63 -4.86 -8.00 -13.46
N LEU B 64 -4.32 -6.90 -12.92
CA LEU B 64 -3.68 -6.95 -11.61
C LEU B 64 -4.58 -6.62 -10.42
N GLY B 65 -5.84 -6.20 -10.68
CA GLY B 65 -6.71 -5.96 -9.51
C GLY B 65 -7.77 -4.90 -9.88
N SER B 66 -8.26 -4.27 -8.86
CA SER B 66 -9.38 -3.37 -9.03
C SER B 66 -9.17 -2.07 -8.25
N ILE B 67 -9.91 -1.04 -8.66
CA ILE B 67 -9.98 0.22 -7.91
C ILE B 67 -11.48 0.59 -7.71
N ASN B 68 -11.81 1.10 -6.52
CA ASN B 68 -13.25 1.46 -6.29
C ASN B 68 -13.31 2.66 -5.41
N SER B 69 -14.34 3.47 -5.73
CA SER B 69 -14.80 4.49 -4.78
C SER B 69 -16.32 4.41 -4.79
N MET B 70 -16.86 3.35 -4.25
CA MET B 70 -18.30 3.10 -4.33
C MET B 70 -19.11 4.16 -3.61
N GLY B 71 -18.62 4.63 -2.48
CA GLY B 71 -19.34 5.57 -1.66
C GLY B 71 -20.36 5.03 -0.71
N LEU B 72 -20.15 3.80 -0.33
CA LEU B 72 -20.99 3.12 0.61
C LEU B 72 -22.47 3.05 0.22
N PRO B 73 -22.64 2.69 -1.11
CA PRO B 73 -24.06 2.51 -1.49
C PRO B 73 -24.64 1.29 -0.72
N ASN B 74 -25.84 1.37 -0.14
CA ASN B 74 -26.41 0.26 0.59
C ASN B 74 -27.90 0.50 0.77
N LEU B 75 -28.60 -0.58 1.03
CA LEU B 75 -30.05 -0.52 1.15
C LEU B 75 -30.48 -0.09 2.58
N GLY B 76 -29.55 0.24 3.47
CA GLY B 76 -29.95 0.72 4.75
C GLY B 76 -30.00 -0.43 5.75
N PHE B 77 -29.67 -0.10 7.01
CA PHE B 77 -29.62 -1.13 8.07
C PHE B 77 -30.93 -1.88 8.22
N ASP B 78 -32.07 -1.18 8.14
CA ASP B 78 -33.27 -1.96 8.35
C ASP B 78 -33.41 -3.19 7.40
N PHE B 79 -32.92 -3.01 6.19
CA PHE B 79 -32.95 -4.07 5.23
C PHE B 79 -32.04 -5.25 5.58
N TYR B 80 -30.80 -4.92 5.93
CA TYR B 80 -29.90 -5.97 6.31
C TYR B 80 -30.33 -6.72 7.57
N LEU B 81 -30.88 -6.00 8.53
CA LEU B 81 -31.37 -6.60 9.76
C LEU B 81 -32.53 -7.55 9.48
N LYS B 82 -33.39 -7.09 8.61
CA LYS B 82 -34.49 -7.93 8.18
C LYS B 82 -34.06 -9.17 7.44
N TYR B 83 -33.05 -9.02 6.57
CA TYR B 83 -32.50 -10.20 5.92
C TYR B 83 -31.97 -11.14 7.01
N ALA B 84 -31.22 -10.60 7.97
CA ALA B 84 -30.67 -11.45 9.02
C ALA B 84 -31.78 -12.11 9.87
N SER B 85 -32.83 -11.37 10.15
CA SER B 85 -33.81 -11.91 11.21
C SER B 85 -34.87 -12.77 10.51
N ASP B 86 -35.21 -12.49 9.25
CA ASP B 86 -36.35 -13.20 8.59
C ASP B 86 -36.06 -13.99 7.32
N LEU B 87 -35.01 -13.62 6.57
CA LEU B 87 -34.84 -14.17 5.25
C LEU B 87 -33.70 -15.17 5.16
N HIS B 88 -32.60 -14.94 5.89
CA HIS B 88 -31.43 -15.82 5.73
C HIS B 88 -31.74 -17.24 6.23
N ASP B 89 -31.30 -18.24 5.44
CA ASP B 89 -31.43 -19.62 5.85
C ASP B 89 -30.12 -20.04 6.56
N TYR B 90 -30.15 -19.99 7.88
CA TYR B 90 -28.97 -20.38 8.70
C TYR B 90 -28.55 -21.84 8.54
N SER B 91 -29.41 -22.68 8.02
CA SER B 91 -29.06 -24.06 7.85
C SER B 91 -28.06 -24.22 6.71
N LYS B 92 -27.98 -23.20 5.83
CA LYS B 92 -27.09 -23.24 4.65
C LYS B 92 -25.66 -22.81 5.02
N LYS B 93 -25.55 -21.73 5.80
CA LYS B 93 -24.18 -21.24 6.21
C LYS B 93 -24.36 -20.03 7.16
N PRO B 94 -23.31 -19.67 7.88
CA PRO B 94 -23.40 -18.50 8.75
C PRO B 94 -23.42 -17.19 7.97
N LEU B 95 -24.00 -16.19 8.59
CA LEU B 95 -24.12 -14.85 8.05
C LEU B 95 -23.38 -13.88 8.96
N PHE B 96 -22.53 -13.04 8.35
CA PHE B 96 -22.01 -11.87 8.99
C PHE B 96 -22.70 -10.61 8.44
N LEU B 97 -23.01 -9.67 9.34
CA LEU B 97 -23.55 -8.38 8.88
C LEU B 97 -22.48 -7.31 9.11
N SER B 98 -22.12 -6.56 8.04
CA SER B 98 -21.08 -5.51 8.19
C SER B 98 -21.83 -4.19 8.43
N ILE B 99 -21.37 -3.43 9.44
CA ILE B 99 -21.93 -2.11 9.73
C ILE B 99 -20.80 -1.08 9.52
N SER B 100 -21.14 0.08 8.95
CA SER B 100 -20.19 1.13 8.72
C SER B 100 -20.88 2.47 8.90
N GLY B 101 -21.32 2.70 10.12
CA GLY B 101 -21.93 4.07 10.44
C GLY B 101 -20.90 5.18 10.27
N LEU B 102 -21.36 6.40 10.01
CA LEU B 102 -20.46 7.57 9.75
C LEU B 102 -20.11 8.31 11.07
N SER B 103 -20.63 7.81 12.21
CA SER B 103 -20.22 8.30 13.54
C SER B 103 -20.32 7.21 14.52
N VAL B 104 -19.70 7.37 15.66
CA VAL B 104 -19.90 6.42 16.73
C VAL B 104 -21.36 6.24 17.12
N GLU B 105 -22.13 7.35 17.23
CA GLU B 105 -23.53 7.25 17.61
C GLU B 105 -24.39 6.39 16.69
N GLU B 106 -24.09 6.51 15.41
CA GLU B 106 -24.82 5.73 14.41
C GLU B 106 -24.49 4.25 14.52
N ASN B 107 -23.18 3.96 14.72
CA ASN B 107 -22.81 2.55 14.94
C ASN B 107 -23.46 2.00 16.21
N VAL B 108 -23.46 2.80 17.30
CA VAL B 108 -24.11 2.33 18.54
C VAL B 108 -25.60 2.09 18.35
N ALA B 109 -26.24 3.00 17.63
CA ALA B 109 -27.67 2.81 17.36
C ALA B 109 -27.97 1.49 16.56
N MET B 110 -27.13 1.19 15.57
CA MET B 110 -27.36 -0.08 14.82
C MET B 110 -27.06 -1.27 15.70
N VAL B 111 -25.89 -1.27 16.42
CA VAL B 111 -25.56 -2.46 17.17
C VAL B 111 -26.57 -2.83 18.29
N ARG B 112 -27.18 -1.79 18.89
CA ARG B 112 -28.20 -2.06 19.96
C ARG B 112 -29.35 -2.85 19.37
N ARG B 113 -29.67 -2.58 18.10
CA ARG B 113 -30.78 -3.30 17.44
C ARG B 113 -30.38 -4.69 16.93
N LEU B 114 -29.08 -4.83 16.55
CA LEU B 114 -28.59 -6.07 16.06
C LEU B 114 -28.45 -7.11 17.16
N ALA B 115 -28.09 -6.64 18.38
CA ALA B 115 -27.86 -7.59 19.51
C ALA B 115 -28.90 -8.70 19.70
N PRO B 116 -30.20 -8.34 19.84
CA PRO B 116 -31.14 -9.47 20.02
C PRO B 116 -31.29 -10.39 18.84
N VAL B 117 -31.05 -9.90 17.61
CA VAL B 117 -31.03 -10.79 16.46
C VAL B 117 -29.79 -11.75 16.45
N ALA B 118 -28.62 -11.18 16.78
CA ALA B 118 -27.42 -12.01 17.07
C ALA B 118 -27.72 -13.11 18.13
N GLN B 119 -28.34 -12.74 19.27
CA GLN B 119 -28.67 -13.77 20.27
C GLN B 119 -29.62 -14.80 19.71
N GLU B 120 -30.64 -14.36 18.99
CA GLU B 120 -31.66 -15.30 18.57
C GLU B 120 -31.25 -16.18 17.36
N LYS B 121 -30.64 -15.54 16.33
CA LYS B 121 -30.43 -16.19 15.05
C LYS B 121 -28.94 -16.54 14.87
N GLY B 122 -28.07 -15.91 15.63
CA GLY B 122 -26.60 -16.17 15.50
C GLY B 122 -25.88 -15.40 14.36
N VAL B 123 -26.56 -14.40 13.77
CA VAL B 123 -25.83 -13.47 12.84
C VAL B 123 -24.61 -12.92 13.59
N LEU B 124 -23.48 -12.71 12.86
CA LEU B 124 -22.25 -12.17 13.43
C LEU B 124 -21.94 -10.80 12.95
N LEU B 125 -21.42 -9.98 13.81
CA LEU B 125 -21.17 -8.59 13.43
C LEU B 125 -19.69 -8.38 12.94
N GLU B 126 -19.51 -7.77 11.77
CA GLU B 126 -18.19 -7.26 11.34
C GLU B 126 -18.29 -5.76 11.29
N LEU B 127 -17.61 -5.04 12.18
CA LEU B 127 -17.67 -3.59 12.24
C LEU B 127 -16.58 -2.98 11.34
N ASN B 128 -16.99 -2.22 10.33
CA ASN B 128 -16.03 -1.67 9.37
C ASN B 128 -15.54 -0.31 9.81
N LEU B 129 -14.25 -0.18 10.13
CA LEU B 129 -13.72 1.09 10.54
C LEU B 129 -13.41 2.08 9.40
N SER B 130 -13.46 1.65 8.16
CA SER B 130 -13.24 2.59 7.05
C SER B 130 -14.45 3.43 6.67
N CYS B 131 -14.28 4.66 6.17
CA CYS B 131 -15.40 5.56 5.91
C CYS B 131 -15.06 6.64 4.85
N PRO B 132 -16.06 7.32 4.31
CA PRO B 132 -15.70 8.40 3.33
C PRO B 132 -14.81 9.45 4.01
N ASN B 133 -13.95 10.08 3.18
CA ASN B 133 -13.03 11.07 3.69
C ASN B 133 -13.83 12.29 4.28
N VAL B 134 -13.35 12.76 5.42
CA VAL B 134 -13.82 14.01 6.03
C VAL B 134 -12.59 14.91 6.12
N PRO B 135 -12.57 16.03 5.38
CA PRO B 135 -11.36 16.89 5.37
C PRO B 135 -11.00 17.28 6.81
N GLY B 136 -9.68 17.29 7.10
CA GLY B 136 -9.18 17.61 8.39
C GLY B 136 -9.05 16.47 9.41
N LYS B 137 -9.55 15.26 9.12
CA LYS B 137 -9.20 14.13 10.05
C LYS B 137 -9.05 12.81 9.30
N PRO B 138 -8.27 11.87 9.88
CA PRO B 138 -7.93 10.64 9.18
C PRO B 138 -9.03 9.60 9.34
N GLN B 139 -9.00 8.57 8.51
CA GLN B 139 -9.86 7.39 8.71
C GLN B 139 -9.74 6.94 10.17
N VAL B 140 -10.80 6.37 10.69
CA VAL B 140 -10.87 6.03 12.11
C VAL B 140 -9.77 5.06 12.54
N ALA B 141 -9.46 4.06 11.73
CA ALA B 141 -8.41 3.09 12.14
C ALA B 141 -7.03 3.65 12.08
N TYR B 142 -6.92 4.80 11.42
CA TYR B 142 -5.68 5.54 11.37
C TYR B 142 -5.54 6.66 12.41
N ASP B 143 -6.54 6.75 13.27
CA ASP B 143 -6.58 7.67 14.41
C ASP B 143 -6.89 6.84 15.65
N PHE B 144 -5.87 6.46 16.35
CA PHE B 144 -5.98 5.41 17.35
C PHE B 144 -6.91 5.74 18.49
N GLU B 145 -6.95 7.01 18.88
CA GLU B 145 -7.94 7.40 19.88
C GLU B 145 -9.37 7.32 19.40
N ALA B 146 -9.62 7.68 18.15
CA ALA B 146 -10.97 7.47 17.62
C ALA B 146 -11.32 6.01 17.58
N MET B 147 -10.33 5.19 17.11
CA MET B 147 -10.57 3.73 17.08
C MET B 147 -10.95 3.17 18.47
N ARG B 148 -10.19 3.56 19.49
CA ARG B 148 -10.47 3.14 20.88
C ARG B 148 -11.87 3.58 21.30
N THR B 149 -12.26 4.80 20.97
CA THR B 149 -13.68 5.24 21.23
C THR B 149 -14.74 4.44 20.55
N TYR B 150 -14.53 4.18 19.27
CA TYR B 150 -15.48 3.35 18.59
C TYR B 150 -15.64 1.98 19.23
N LEU B 151 -14.51 1.35 19.55
CA LEU B 151 -14.61 -0.03 20.07
C LEU B 151 -15.17 0.00 21.46
N GLN B 152 -14.83 1.03 22.23
CA GLN B 152 -15.39 1.09 23.64
C GLN B 152 -16.91 1.24 23.58
N GLN B 153 -17.34 2.15 22.72
CA GLN B 153 -18.79 2.38 22.62
C GLN B 153 -19.55 1.21 22.03
N VAL B 154 -19.01 0.62 20.95
CA VAL B 154 -19.68 -0.58 20.36
C VAL B 154 -19.68 -1.72 21.31
N SER B 155 -18.55 -1.99 21.97
CA SER B 155 -18.51 -3.10 22.86
C SER B 155 -19.59 -2.94 23.97
N LEU B 156 -19.70 -1.71 24.49
CA LEU B 156 -20.72 -1.43 25.54
C LEU B 156 -22.15 -1.65 25.02
N ALA B 157 -22.39 -1.10 23.83
CA ALA B 157 -23.76 -1.16 23.25
C ALA B 157 -24.20 -2.54 22.79
N TYR B 158 -23.24 -3.35 22.25
CA TYR B 158 -23.51 -4.64 21.70
C TYR B 158 -23.46 -5.79 22.72
N GLY B 159 -22.36 -5.83 23.50
CA GLY B 159 -22.27 -6.76 24.60
C GLY B 159 -22.00 -8.17 24.22
N LEU B 160 -21.75 -8.42 22.91
CA LEU B 160 -21.55 -9.77 22.39
C LEU B 160 -20.23 -9.80 21.55
N PRO B 161 -19.67 -11.00 21.32
CA PRO B 161 -18.47 -11.17 20.44
C PRO B 161 -18.77 -10.58 19.06
N PHE B 162 -17.78 -9.83 18.57
CA PHE B 162 -17.87 -9.27 17.19
C PHE B 162 -16.47 -9.13 16.60
N GLY B 163 -16.44 -8.71 15.35
CA GLY B 163 -15.16 -8.54 14.63
C GLY B 163 -15.05 -7.16 14.05
N VAL B 164 -13.81 -6.84 13.67
CA VAL B 164 -13.54 -5.51 13.11
C VAL B 164 -12.78 -5.67 11.79
N LYS B 165 -13.29 -4.98 10.78
CA LYS B 165 -12.61 -4.92 9.49
C LYS B 165 -11.61 -3.72 9.53
N MET B 166 -10.33 -4.05 9.23
CA MET B 166 -9.24 -3.08 9.35
C MET B 166 -8.62 -2.71 8.00
N PRO B 167 -8.28 -1.45 7.82
CA PRO B 167 -7.40 -1.11 6.69
C PRO B 167 -5.98 -1.58 6.94
N PRO B 168 -5.20 -1.66 5.86
CA PRO B 168 -3.80 -2.10 6.03
C PRO B 168 -2.98 -1.03 6.73
N TYR B 169 -2.00 -1.53 7.50
CA TYR B 169 -0.91 -0.67 8.00
C TYR B 169 0.42 -1.01 7.34
N PHE B 170 1.37 -0.10 7.44
CA PHE B 170 2.61 -0.21 6.64
C PHE B 170 3.84 0.05 7.45
N ASP B 171 3.65 0.05 8.76
CA ASP B 171 4.75 0.52 9.65
C ASP B 171 4.62 -0.31 10.95
N ILE B 172 5.75 -0.85 11.39
CA ILE B 172 5.68 -1.83 12.52
C ILE B 172 5.21 -1.12 13.78
N ALA B 173 5.56 0.16 14.00
CA ALA B 173 4.99 0.80 15.22
C ALA B 173 3.50 0.89 15.11
N HIS B 174 2.96 1.12 13.89
CA HIS B 174 1.53 1.12 13.74
C HIS B 174 0.87 -0.22 14.03
N PHE B 175 1.51 -1.32 13.58
CA PHE B 175 0.98 -2.68 13.96
C PHE B 175 0.96 -2.80 15.49
N ASP B 176 2.04 -2.36 16.14
CA ASP B 176 2.08 -2.51 17.63
C ASP B 176 0.98 -1.66 18.28
N THR B 177 0.79 -0.39 17.84
CA THR B 177 -0.24 0.40 18.45
C THR B 177 -1.66 -0.12 18.17
N ALA B 178 -1.91 -0.52 16.92
CA ALA B 178 -3.30 -0.90 16.53
C ALA B 178 -3.61 -2.17 17.27
N ALA B 179 -2.66 -3.17 17.37
CA ALA B 179 -3.02 -4.47 17.99
C ALA B 179 -3.22 -4.23 19.53
N ALA B 180 -2.47 -3.27 20.10
CA ALA B 180 -2.67 -2.98 21.55
C ALA B 180 -4.07 -2.39 21.74
N VAL B 181 -4.54 -1.53 20.83
CA VAL B 181 -5.93 -1.03 20.95
C VAL B 181 -6.87 -2.21 20.90
N LEU B 182 -6.76 -3.06 19.88
CA LEU B 182 -7.71 -4.12 19.72
C LEU B 182 -7.70 -5.06 20.92
N ASN B 183 -6.50 -5.28 21.49
CA ASN B 183 -6.42 -6.22 22.62
C ASN B 183 -7.01 -5.63 23.93
N GLU B 184 -7.42 -4.37 23.91
CA GLU B 184 -8.13 -3.74 25.12
C GLU B 184 -9.54 -4.26 25.16
N PHE B 185 -10.01 -4.83 24.03
CA PHE B 185 -11.46 -5.20 23.89
C PHE B 185 -11.66 -6.69 23.77
N PRO B 186 -12.05 -7.35 24.87
CA PRO B 186 -12.20 -8.77 24.82
C PRO B 186 -13.36 -9.28 23.95
N LEU B 187 -14.34 -8.39 23.71
CA LEU B 187 -15.44 -8.82 22.84
C LEU B 187 -15.01 -8.81 21.35
N VAL B 188 -13.83 -8.21 21.05
CA VAL B 188 -13.39 -8.24 19.62
C VAL B 188 -12.74 -9.58 19.43
N LYS B 189 -13.49 -10.49 18.85
CA LYS B 189 -13.06 -11.88 18.73
C LYS B 189 -12.40 -12.22 17.36
N PHE B 190 -12.64 -11.34 16.36
CA PHE B 190 -11.90 -11.55 15.08
C PHE B 190 -11.52 -10.22 14.53
N VAL B 191 -10.46 -10.22 13.70
CA VAL B 191 -9.94 -9.01 13.09
C VAL B 191 -9.88 -9.41 11.60
N THR B 192 -10.42 -8.61 10.69
CA THR B 192 -10.35 -9.03 9.24
C THR B 192 -9.37 -8.05 8.66
N CYS B 193 -8.30 -8.66 8.11
CA CYS B 193 -7.18 -7.86 7.55
C CYS B 193 -7.09 -8.32 6.11
N VAL B 194 -7.35 -7.52 5.04
CA VAL B 194 -7.47 -6.07 5.08
C VAL B 194 -8.58 -5.57 4.19
N ASN B 195 -9.01 -4.32 4.52
CA ASN B 195 -9.76 -3.55 3.51
C ASN B 195 -8.82 -3.09 2.36
N SER B 196 -9.39 -2.43 1.37
CA SER B 196 -8.60 -2.01 0.22
C SER B 196 -7.42 -1.14 0.61
N VAL B 197 -6.43 -1.19 -0.24
CA VAL B 197 -5.25 -0.28 -0.01
C VAL B 197 -5.67 1.14 -0.51
N GLY B 198 -5.73 2.07 0.43
CA GLY B 198 -6.43 3.31 0.21
C GLY B 198 -5.84 4.20 -0.84
N ASN B 199 -6.80 4.82 -1.57
CA ASN B 199 -6.44 6.02 -2.41
C ASN B 199 -5.26 5.73 -3.36
N GLY B 200 -5.33 4.64 -4.13
CA GLY B 200 -4.54 4.51 -5.32
C GLY B 200 -5.15 5.27 -6.49
N LEU B 201 -4.46 5.24 -7.61
CA LEU B 201 -4.93 6.00 -8.85
C LEU B 201 -4.50 5.19 -10.01
N VAL B 202 -5.53 4.75 -10.75
CA VAL B 202 -5.25 4.05 -12.00
C VAL B 202 -5.55 5.02 -13.16
N ILE B 203 -4.60 5.08 -14.10
CA ILE B 203 -4.74 5.99 -15.24
C ILE B 203 -4.65 5.17 -16.50
N ASP B 204 -5.53 5.47 -17.46
CA ASP B 204 -5.49 4.79 -18.79
C ASP B 204 -4.63 5.55 -19.78
N ALA B 205 -3.58 4.90 -20.28
CA ALA B 205 -2.66 5.67 -21.15
C ALA B 205 -3.28 6.14 -22.46
N GLU B 206 -4.19 5.34 -23.06
CA GLU B 206 -4.76 5.76 -24.36
C GLU B 206 -5.60 7.04 -24.24
N SER B 207 -6.49 7.06 -23.23
CA SER B 207 -7.40 8.17 -23.03
C SER B 207 -6.79 9.29 -22.18
N GLU B 208 -5.65 8.93 -21.53
CA GLU B 208 -4.95 9.89 -20.61
C GLU B 208 -5.84 10.34 -19.46
N SER B 209 -6.77 9.44 -19.06
CA SER B 209 -7.77 9.70 -18.07
C SER B 209 -7.69 8.76 -16.94
N VAL B 210 -8.05 9.26 -15.76
CA VAL B 210 -8.42 8.32 -14.69
C VAL B 210 -9.66 7.45 -15.08
N VAL B 211 -9.86 6.36 -14.36
CA VAL B 211 -10.87 5.35 -14.79
C VAL B 211 -12.08 5.29 -13.91
N ILE B 212 -12.07 5.97 -12.80
CA ILE B 212 -13.28 6.16 -12.01
C ILE B 212 -13.59 7.65 -11.81
N LYS B 213 -14.91 7.91 -11.76
CA LYS B 213 -15.36 9.32 -11.69
C LYS B 213 -15.18 9.97 -10.33
N PRO B 214 -15.55 9.29 -9.20
CA PRO B 214 -15.43 10.02 -7.90
C PRO B 214 -13.96 10.37 -7.55
N LYS B 215 -13.84 11.40 -6.72
CA LYS B 215 -12.54 11.66 -6.03
C LYS B 215 -11.40 11.84 -7.04
N GLN B 216 -11.65 12.45 -8.21
CA GLN B 216 -10.62 12.69 -9.22
C GLN B 216 -9.84 11.41 -9.61
N GLY B 217 -10.51 10.26 -9.50
CA GLY B 217 -9.99 8.97 -9.93
C GLY B 217 -9.38 8.18 -8.79
N PHE B 218 -9.28 8.76 -7.59
CA PHE B 218 -8.55 8.03 -6.45
C PHE B 218 -9.55 7.02 -5.86
N GLY B 219 -9.07 5.80 -5.52
CA GLY B 219 -9.99 4.87 -4.89
C GLY B 219 -9.20 3.71 -4.32
N GLY B 220 -9.88 2.82 -3.59
CA GLY B 220 -9.14 1.76 -2.90
C GLY B 220 -8.81 0.66 -3.90
N LEU B 221 -7.62 0.09 -3.66
CA LEU B 221 -7.12 -0.97 -4.54
C LEU B 221 -7.36 -2.34 -3.86
N GLY B 222 -7.74 -3.24 -4.75
CA GLY B 222 -7.83 -4.68 -4.38
C GLY B 222 -7.18 -5.56 -5.41
N GLY B 223 -7.13 -6.87 -5.07
CA GLY B 223 -6.60 -7.86 -6.03
C GLY B 223 -5.13 -8.12 -5.96
N LYS B 224 -4.52 -8.43 -7.11
CA LYS B 224 -3.13 -8.89 -7.04
C LYS B 224 -2.16 -7.87 -6.53
N TYR B 225 -2.46 -6.58 -6.73
CA TYR B 225 -1.58 -5.56 -6.21
C TYR B 225 -1.34 -5.69 -4.70
N ILE B 226 -2.31 -6.27 -3.97
CA ILE B 226 -2.28 -6.09 -2.50
C ILE B 226 -2.02 -7.36 -1.72
N LEU B 227 -1.72 -8.46 -2.40
CA LEU B 227 -1.54 -9.75 -1.62
C LEU B 227 -0.42 -9.67 -0.60
N PRO B 228 0.77 -9.15 -0.97
CA PRO B 228 1.79 -9.19 0.13
C PRO B 228 1.48 -8.23 1.32
N THR B 229 0.80 -7.11 1.00
CA THR B 229 0.27 -6.18 2.04
C THR B 229 -0.72 -6.87 2.92
N ALA B 230 -1.61 -7.63 2.31
CA ALA B 230 -2.62 -8.40 3.08
C ALA B 230 -2.01 -9.48 3.93
N LEU B 231 -1.09 -10.27 3.34
CA LEU B 231 -0.43 -11.29 4.16
C LEU B 231 0.35 -10.70 5.34
N ALA B 232 1.00 -9.51 5.09
CA ALA B 232 1.79 -8.91 6.21
C ALA B 232 0.82 -8.49 7.36
N ASN B 233 -0.36 -7.93 7.02
CA ASN B 233 -1.27 -7.53 8.04
C ASN B 233 -1.87 -8.73 8.78
N VAL B 234 -2.22 -9.73 7.98
CA VAL B 234 -2.75 -10.96 8.60
C VAL B 234 -1.69 -11.45 9.60
N ASN B 235 -0.44 -11.59 9.17
CA ASN B 235 0.54 -12.22 10.11
C ASN B 235 0.83 -11.29 11.28
N ALA B 236 0.91 -9.94 11.03
CA ALA B 236 1.26 -9.03 12.10
C ALA B 236 0.21 -9.10 13.20
N PHE B 237 -1.09 -9.16 12.80
CA PHE B 237 -2.15 -9.24 13.85
C PHE B 237 -2.30 -10.66 14.37
N TYR B 238 -1.99 -11.69 13.59
CA TYR B 238 -2.00 -13.07 14.14
C TYR B 238 -0.98 -13.15 15.25
N ARG B 239 0.21 -12.61 15.00
CA ARG B 239 1.30 -12.66 16.04
C ARG B 239 0.91 -11.81 17.30
N ARG B 240 0.27 -10.68 17.08
CA ARG B 240 0.03 -9.72 18.18
C ARG B 240 -1.26 -10.01 18.93
N CYS B 241 -2.18 -10.83 18.38
CA CYS B 241 -3.52 -10.95 19.04
C CYS B 241 -3.77 -12.42 19.19
N PRO B 242 -3.07 -13.04 20.15
CA PRO B 242 -3.19 -14.49 20.25
C PRO B 242 -4.54 -14.97 20.76
N ASP B 243 -5.29 -14.11 21.44
CA ASP B 243 -6.64 -14.44 21.86
C ASP B 243 -7.77 -14.10 20.91
N LYS B 244 -7.42 -13.74 19.70
CA LYS B 244 -8.40 -13.41 18.68
C LYS B 244 -8.17 -14.25 17.43
N LEU B 245 -9.20 -14.35 16.62
CA LEU B 245 -9.03 -14.87 15.28
C LEU B 245 -8.68 -13.75 14.29
N VAL B 246 -7.98 -14.13 13.21
CA VAL B 246 -7.72 -13.22 12.14
C VAL B 246 -8.37 -13.81 10.91
N PHE B 247 -9.12 -12.96 10.20
CA PHE B 247 -9.73 -13.36 8.94
C PHE B 247 -8.91 -12.62 7.86
N GLY B 248 -8.48 -13.37 6.86
CA GLY B 248 -7.68 -12.81 5.82
C GLY B 248 -8.46 -12.35 4.60
N CYS B 249 -8.13 -11.16 4.09
CA CYS B 249 -8.76 -10.67 2.89
C CYS B 249 -7.72 -9.89 2.08
N GLY B 250 -7.65 -10.14 0.79
CA GLY B 250 -6.86 -9.35 -0.08
C GLY B 250 -6.06 -10.23 -1.03
N GLY B 251 -6.31 -10.06 -2.31
CA GLY B 251 -5.46 -10.72 -3.27
C GLY B 251 -5.74 -12.16 -3.48
N VAL B 252 -6.91 -12.71 -3.03
CA VAL B 252 -7.06 -14.18 -3.15
C VAL B 252 -7.70 -14.40 -4.56
N TYR B 253 -6.95 -15.14 -5.40
CA TYR B 253 -7.50 -15.56 -6.70
C TYR B 253 -7.45 -17.07 -6.86
N SER B 254 -6.79 -17.78 -5.94
CA SER B 254 -6.54 -19.20 -6.17
C SER B 254 -6.43 -19.86 -4.81
N GLY B 255 -6.49 -21.20 -4.81
CA GLY B 255 -6.29 -21.89 -3.56
C GLY B 255 -4.85 -21.76 -3.05
N GLU B 256 -3.89 -21.54 -3.90
CA GLU B 256 -2.56 -21.20 -3.40
C GLU B 256 -2.56 -19.87 -2.63
N ASP B 257 -3.26 -18.88 -3.18
CA ASP B 257 -3.28 -17.57 -2.46
C ASP B 257 -3.98 -17.79 -1.08
N ALA B 258 -5.06 -18.58 -1.02
CA ALA B 258 -5.71 -18.90 0.26
C ALA B 258 -4.77 -19.64 1.23
N PHE B 259 -4.01 -20.56 0.64
CA PHE B 259 -3.06 -21.30 1.44
C PHE B 259 -2.06 -20.34 2.11
N LEU B 260 -1.60 -19.35 1.33
CA LEU B 260 -0.64 -18.39 1.90
C LEU B 260 -1.29 -17.56 3.05
N HIS B 261 -2.56 -17.12 2.82
CA HIS B 261 -3.25 -16.43 3.89
C HIS B 261 -3.38 -17.30 5.15
N ILE B 262 -3.74 -18.61 4.96
CA ILE B 262 -3.87 -19.50 6.13
C ILE B 262 -2.48 -19.73 6.81
N LEU B 263 -1.42 -19.87 6.02
CA LEU B 263 -0.07 -20.03 6.60
C LEU B 263 0.25 -18.81 7.45
N ALA B 264 -0.18 -17.58 7.00
CA ALA B 264 0.13 -16.36 7.72
C ALA B 264 -0.73 -16.21 8.98
N GLY B 265 -1.82 -17.01 9.06
CA GLY B 265 -2.63 -16.98 10.30
C GLY B 265 -4.15 -16.89 10.05
N ALA B 266 -4.61 -16.84 8.79
CA ALA B 266 -6.08 -16.65 8.60
C ALA B 266 -6.92 -17.88 8.98
N SER B 267 -8.03 -17.58 9.65
CA SER B 267 -9.04 -18.57 9.94
C SER B 267 -10.04 -18.59 8.77
N MET B 268 -10.80 -17.53 8.52
CA MET B 268 -11.58 -17.48 7.26
C MET B 268 -10.77 -16.67 6.24
N VAL B 269 -11.12 -16.83 4.96
CA VAL B 269 -10.40 -16.18 3.84
C VAL B 269 -11.54 -15.59 2.99
N GLN B 270 -11.49 -14.27 2.87
CA GLN B 270 -12.54 -13.54 2.12
C GLN B 270 -12.00 -13.20 0.71
N VAL B 271 -12.95 -13.12 -0.21
CA VAL B 271 -12.59 -12.93 -1.64
C VAL B 271 -13.41 -11.78 -2.16
N GLY B 272 -12.69 -10.71 -2.59
CA GLY B 272 -13.35 -9.47 -3.05
C GLY B 272 -13.24 -9.37 -4.58
N THR B 273 -12.16 -8.72 -5.08
CA THR B 273 -12.00 -8.51 -6.55
C THR B 273 -12.15 -9.77 -7.34
N ALA B 274 -11.53 -10.88 -6.94
CA ALA B 274 -11.62 -12.05 -7.80
C ALA B 274 -13.09 -12.60 -7.94
N LEU B 275 -13.84 -12.44 -6.87
CA LEU B 275 -15.24 -12.82 -6.84
C LEU B 275 -16.03 -11.88 -7.72
N GLN B 276 -15.81 -10.57 -7.61
CA GLN B 276 -16.48 -9.59 -8.47
C GLN B 276 -16.17 -9.93 -9.95
N GLU B 277 -14.97 -10.40 -10.26
CA GLU B 277 -14.62 -10.63 -11.64
C GLU B 277 -15.06 -11.98 -12.14
N GLU B 278 -15.03 -13.03 -11.30
CA GLU B 278 -15.23 -14.40 -11.82
C GLU B 278 -16.66 -14.90 -11.49
N GLY B 279 -17.27 -14.29 -10.48
CA GLY B 279 -18.60 -14.71 -10.04
C GLY B 279 -18.47 -15.88 -9.01
N PRO B 280 -19.59 -16.38 -8.47
CA PRO B 280 -19.60 -17.24 -7.31
C PRO B 280 -19.12 -18.67 -7.56
N GLY B 281 -19.03 -19.04 -8.84
CA GLY B 281 -18.35 -20.28 -9.21
C GLY B 281 -16.94 -20.31 -8.67
N ILE B 282 -16.35 -19.13 -8.40
CA ILE B 282 -14.97 -19.16 -7.88
C ILE B 282 -14.87 -20.01 -6.64
N PHE B 283 -15.92 -20.18 -5.81
CA PHE B 283 -15.73 -20.83 -4.50
C PHE B 283 -15.47 -22.33 -4.73
N THR B 284 -16.05 -22.96 -5.77
CA THR B 284 -15.78 -24.39 -5.93
C THR B 284 -14.37 -24.58 -6.37
N ARG B 285 -13.87 -23.71 -7.22
CA ARG B 285 -12.50 -23.77 -7.67
C ARG B 285 -11.53 -23.52 -6.54
N LEU B 286 -11.76 -22.51 -5.71
CA LEU B 286 -10.82 -22.21 -4.61
C LEU B 286 -10.75 -23.43 -3.65
N GLU B 287 -11.90 -24.08 -3.36
CA GLU B 287 -11.92 -25.25 -2.46
C GLU B 287 -11.15 -26.36 -3.07
N ASP B 288 -11.37 -26.65 -4.38
CA ASP B 288 -10.66 -27.74 -5.03
C ASP B 288 -9.17 -27.48 -4.97
N GLU B 289 -8.77 -26.23 -5.32
CA GLU B 289 -7.37 -25.90 -5.43
C GLU B 289 -6.72 -25.98 -4.03
N LEU B 290 -7.38 -25.48 -2.98
CA LEU B 290 -6.80 -25.56 -1.58
C LEU B 290 -6.65 -27.03 -1.19
N LEU B 291 -7.68 -27.89 -1.47
CA LEU B 291 -7.60 -29.31 -1.07
C LEU B 291 -6.45 -29.97 -1.83
N GLU B 292 -6.20 -29.56 -3.07
CA GLU B 292 -5.14 -30.17 -3.94
C GLU B 292 -3.78 -29.85 -3.36
N ILE B 293 -3.58 -28.61 -2.95
CA ILE B 293 -2.28 -28.22 -2.32
C ILE B 293 -2.10 -28.98 -0.98
N MET B 294 -3.15 -29.02 -0.17
CA MET B 294 -3.11 -29.80 1.13
C MET B 294 -2.66 -31.27 0.82
N ALA B 295 -3.31 -31.88 -0.15
CA ALA B 295 -3.07 -33.33 -0.42
C ALA B 295 -1.61 -33.49 -0.85
N ARG B 296 -1.09 -32.60 -1.68
CA ARG B 296 0.27 -32.74 -2.24
C ARG B 296 1.23 -32.64 -1.04
N LYS B 297 0.88 -31.85 -0.05
CA LYS B 297 1.78 -31.61 1.11
C LYS B 297 1.50 -32.61 2.27
N GLY B 298 0.47 -33.42 2.20
CA GLY B 298 0.22 -34.27 3.35
C GLY B 298 -0.59 -33.64 4.45
N TYR B 299 -1.19 -32.47 4.22
CA TYR B 299 -1.95 -31.89 5.33
C TYR B 299 -3.38 -32.37 5.24
N ARG B 300 -3.91 -32.76 6.39
CA ARG B 300 -5.28 -33.25 6.46
C ARG B 300 -6.22 -32.17 7.07
N THR B 301 -5.68 -31.15 7.75
CA THR B 301 -6.54 -30.16 8.39
C THR B 301 -5.91 -28.79 8.13
N LEU B 302 -6.75 -27.77 8.24
CA LEU B 302 -6.24 -26.39 8.27
C LEU B 302 -5.43 -26.06 9.46
N GLU B 303 -5.79 -26.63 10.62
CA GLU B 303 -5.04 -26.38 11.84
C GLU B 303 -3.58 -26.80 11.76
N GLU B 304 -3.27 -27.78 10.92
CA GLU B 304 -1.93 -28.31 10.84
C GLU B 304 -0.98 -27.22 10.36
N PHE B 305 -1.50 -26.29 9.55
CA PHE B 305 -0.55 -25.29 9.01
C PHE B 305 -0.98 -23.84 9.26
N ARG B 306 -2.14 -23.59 9.90
CA ARG B 306 -2.52 -22.17 10.07
C ARG B 306 -1.45 -21.47 10.95
N GLY B 307 -0.96 -20.30 10.48
CA GLY B 307 -0.04 -19.49 11.25
C GLY B 307 1.38 -20.07 11.23
N ARG B 308 1.62 -21.14 10.46
CA ARG B 308 2.93 -21.83 10.56
C ARG B 308 3.88 -21.46 9.46
N VAL B 309 3.69 -20.25 8.93
CA VAL B 309 4.72 -19.66 8.02
C VAL B 309 6.07 -19.73 8.71
N LYS B 310 7.04 -20.19 7.95
CA LYS B 310 8.42 -20.28 8.46
C LYS B 310 9.23 -19.01 8.23
N THR B 311 10.05 -18.65 9.22
CA THR B 311 10.98 -17.50 9.09
C THR B 311 12.32 -18.05 8.83
N ILE B 312 13.25 -17.23 8.35
CA ILE B 312 14.65 -17.73 8.09
C ILE B 312 15.54 -17.40 9.31
N GLU B 313 16.18 -18.44 9.88
CA GLU B 313 16.68 -18.42 11.31
C GLU B 313 15.58 -18.17 12.38
N1 FMN C . 14.97 4.27 -1.38
C2 FMN C . 15.72 5.23 -0.76
O2 FMN C . 15.31 6.40 -0.80
N3 FMN C . 16.97 4.99 -0.29
C4 FMN C . 17.53 3.75 -0.35
O4 FMN C . 18.71 3.49 0.11
C4A FMN C . 16.79 2.67 -0.99
N5 FMN C . 17.29 1.44 -1.03
C5A FMN C . 16.65 0.51 -1.79
C6 FMN C . 17.28 -0.73 -2.04
C7 FMN C . 16.61 -1.70 -2.78
C7M FMN C . 17.25 -3.05 -3.02
C8 FMN C . 15.30 -1.40 -3.36
C8M FMN C . 14.56 -2.43 -4.16
C9 FMN C . 14.67 -0.14 -3.13
C9A FMN C . 15.33 0.79 -2.37
N10 FMN C . 14.75 2.05 -2.10
C10 FMN C . 15.46 3.02 -1.47
C1' FMN C . 13.45 2.38 -2.67
C2' FMN C . 13.49 2.68 -4.16
O2' FMN C . 14.23 3.91 -4.26
C3' FMN C . 12.15 2.95 -4.74
O3' FMN C . 11.53 4.04 -3.98
C4' FMN C . 11.20 1.73 -4.51
O4' FMN C . 11.92 0.49 -4.81
C5' FMN C . 9.98 1.81 -5.47
O5' FMN C . 10.35 1.92 -6.87
P FMN C . 10.23 0.61 -7.84
O1P FMN C . 10.79 1.08 -9.18
O2P FMN C . 8.79 0.20 -7.82
O3P FMN C . 11.13 -0.47 -7.18
CO NCO D . 20.88 -8.86 -12.63
N1 NCO D . 22.84 -8.40 -13.13
N2 NCO D . 18.96 -9.31 -12.10
N3 NCO D . 21.02 -7.73 -10.89
N4 NCO D . 20.16 -7.23 -13.61
N5 NCO D . 20.76 -9.97 -14.31
N6 NCO D . 21.58 -10.54 -11.61
OAA MRO E . 18.05 0.01 2.95
CAN MRO E . 16.83 -0.24 3.08
OAD MRO E . 16.24 -1.21 3.60
CAQ MRO E . 15.83 0.72 2.38
NAL MRO E . 14.96 0.01 1.49
CAR MRO E . 13.94 0.71 0.85
OAB MRO E . 13.14 0.15 0.08
NAM MRO E . 13.88 2.08 1.02
CAS MRO E . 14.74 2.80 1.90
OAC MRO E . 14.61 4.01 2.05
CAP MRO E . 15.72 2.06 2.59
CAK MRO E . 16.60 2.72 3.48
CAJ MRO E . 15.80 3.18 4.77
CAO MRO E . 15.38 2.14 5.54
CAH MRO E . 16.38 1.58 6.36
CAF MRO E . 15.87 0.54 7.18
CAE MRO E . 14.55 0.05 7.20
CAG MRO E . 13.50 0.58 6.37
CAI MRO E . 14.00 1.67 5.55
C1 GOL F . 27.60 0.75 -18.46
O1 GOL F . 28.31 -0.16 -17.61
C2 GOL F . 26.32 0.15 -19.05
O2 GOL F . 27.05 -0.68 -19.97
C3 GOL F . 25.49 0.88 -20.12
O3 GOL F . 24.06 0.48 -20.14
C1 GOL G . -8.86 12.66 -3.93
O1 GOL G . -10.14 13.10 -3.42
C2 GOL G . -7.99 13.94 -3.83
O2 GOL G . -7.75 14.24 -2.48
C3 GOL G . -6.65 13.81 -4.52
O3 GOL G . -5.95 15.07 -4.60
C1 GOL H . -0.32 22.29 -9.30
O1 GOL H . -1.20 21.47 -10.09
C2 GOL H . 0.54 23.15 -10.25
O2 GOL H . 0.27 22.93 -11.63
C3 GOL H . 2.03 22.88 -9.99
O3 GOL H . 2.90 22.95 -11.13
N1 FMN I . -15.02 -3.49 2.47
C2 FMN I . -15.90 -3.33 3.51
O2 FMN I . -15.56 -3.69 4.64
N3 FMN I . -17.15 -2.87 3.34
C4 FMN I . -17.65 -2.61 2.13
O4 FMN I . -18.85 -2.19 1.94
C4A FMN I . -16.77 -2.73 0.95
N5 FMN I . -17.21 -2.47 -0.31
C5A FMN I . -16.44 -2.85 -1.35
C6 FMN I . -17.00 -2.71 -2.63
C7 FMN I . -16.14 -3.08 -3.72
C7M FMN I . -16.68 -2.97 -5.13
C8 FMN I . -14.84 -3.64 -3.54
C8M FMN I . -13.95 -4.04 -4.69
C9 FMN I . -14.34 -3.76 -2.23
C9A FMN I . -15.11 -3.39 -1.16
N10 FMN I . -14.62 -3.52 0.13
C10 FMN I . -15.45 -3.26 1.22
C1' FMN I . -13.29 -4.01 0.46
C2' FMN I . -13.25 -5.53 0.26
O2' FMN I . -14.05 -6.11 1.30
C3' FMN I . -11.83 -6.03 0.44
O3' FMN I . -11.37 -5.65 1.76
C4' FMN I . -10.84 -5.49 -0.62
O4' FMN I . -11.48 -5.42 -1.92
C5' FMN I . -9.55 -6.36 -0.66
O5' FMN I . -9.85 -7.73 -1.04
P FMN I . -9.60 -8.22 -2.57
O1P FMN I . -10.07 -9.58 -2.61
O2P FMN I . -8.13 -8.01 -2.86
O3P FMN I . -10.43 -7.30 -3.47
OAA MRO J . -18.20 1.64 -0.42
CAN MRO J . -16.99 1.87 -0.58
OAD MRO J . -16.47 2.75 -1.29
CAQ MRO J . -16.06 1.05 0.20
NAL MRO J . -15.06 0.47 -0.65
CAR MRO J . -13.99 -0.19 -0.09
OAB MRO J . -13.08 -0.70 -0.77
NAM MRO J . -14.00 -0.45 1.29
CAS MRO J . -15.01 0.04 2.12
OAC MRO J . -14.91 -0.23 3.32
CAP MRO J . -16.03 0.85 1.56
CAK MRO J . -17.14 1.48 2.44
CAJ MRO J . -16.49 2.54 3.33
CAO MRO J . -15.89 3.54 2.53
CAH MRO J . -14.47 3.61 2.33
CAF MRO J . -13.86 4.62 1.50
CAE MRO J . -14.66 5.51 0.87
CAG MRO J . -16.03 5.46 1.08
CAI MRO J . -16.70 4.47 1.86
C1 GOL K . 6.16 -8.38 12.29
O1 GOL K . 5.47 -8.93 13.44
C2 GOL K . 7.55 -7.93 12.81
O2 GOL K . 7.29 -6.89 13.74
C3 GOL K . 8.43 -7.45 11.66
O3 GOL K . 9.74 -7.07 12.19
C1 GOL L . -10.13 1.10 2.92
O1 GOL L . -8.76 0.81 3.45
C2 GOL L . -10.51 2.30 2.02
O2 GOL L . -9.70 2.27 0.83
C3 GOL L . -11.84 2.18 1.25
O3 GOL L . -11.49 1.96 -0.18
C1 GOL M . -2.08 -16.98 18.24
O1 GOL M . -3.17 -17.83 17.91
C2 GOL M . -0.68 -17.60 18.45
O2 GOL M . -0.65 -19.00 18.28
C3 GOL M . 0.40 -16.96 17.55
O3 GOL M . 0.22 -15.57 17.69
#